data_1FRP
#
_entry.id   1FRP
#
_cell.length_a   60.950
_cell.length_b   166.300
_cell.length_c   80.000
_cell.angle_alpha   90.00
_cell.angle_beta   90.00
_cell.angle_gamma   90.00
#
_symmetry.space_group_name_H-M   'P 21 21 2'
#
loop_
_entity.id
_entity.type
_entity.pdbx_description
1 polymer 'FRUCTOSE 1,6-BISPHOSPHATASE'
2 non-polymer 2,6-di-O-phosphono-beta-D-fructofuranose
3 non-polymer 'ZINC ION'
4 non-polymer 'ADENOSINE MONOPHOSPHATE'
5 water water
#
_entity_poly.entity_id   1
_entity_poly.type   'polypeptide(L)'
_entity_poly.pdbx_seq_one_letter_code
;TDQAAFDTNIVTLTRFVMEQGRKARGTGEMTQLLNSLCTAVKAISTAVRKAGIAHLYGIAGATNVTGDQVKKLDVLSNDL
VINVLKSSFATCVLVTEEDKNAIIVEPEKRGKYVVCFDPLDGSSNIDCLVSIGTIFGIYRKNSTDEPSEKDALQPGRNLV
AAGYALYGSATMLVLAMVNGVNCFMLDPAIGEFILVDRNVKIKKKGSIYSINEGYAKEFDPAITEYIQRKKFPPDNSAPY
GARYVGSMVADVHRTLVYGGIFMYPANKKSPKGKLRLLYECNPMAYVMEKAGGLATTGKEAVLDIVPTDIHQRAPIILGS
PEDVTELLEIYQKHA
;
_entity_poly.pdbx_strand_id   A,B
#
# COMPACT_ATOMS: atom_id res chain seq x y z
N ASN A 9 24.57 -17.11 -6.68
CA ASN A 9 25.19 -16.85 -5.39
C ASN A 9 24.54 -15.53 -5.07
N ILE A 10 24.56 -15.24 -3.77
CA ILE A 10 23.98 -14.04 -3.26
C ILE A 10 24.71 -12.88 -3.93
N VAL A 11 23.97 -12.05 -4.64
CA VAL A 11 24.55 -10.86 -5.18
C VAL A 11 23.97 -9.76 -4.33
N THR A 12 24.75 -9.02 -3.56
CA THR A 12 24.23 -7.91 -2.81
C THR A 12 24.27 -6.68 -3.70
N LEU A 13 23.62 -5.58 -3.36
CA LEU A 13 23.71 -4.34 -4.10
C LEU A 13 25.13 -3.78 -4.02
N THR A 14 25.83 -3.85 -2.90
CA THR A 14 27.21 -3.43 -2.78
C THR A 14 28.11 -4.21 -3.74
N ARG A 15 27.96 -5.53 -3.87
CA ARG A 15 28.75 -6.32 -4.80
C ARG A 15 28.39 -5.90 -6.23
N PHE A 16 27.10 -5.84 -6.60
CA PHE A 16 26.67 -5.43 -7.94
C PHE A 16 27.19 -4.06 -8.40
N VAL A 17 27.03 -3.01 -7.61
CA VAL A 17 27.49 -1.66 -7.93
C VAL A 17 29.02 -1.64 -8.08
N MET A 18 29.80 -2.24 -7.17
CA MET A 18 31.24 -2.28 -7.30
C MET A 18 31.60 -3.02 -8.58
N GLU A 19 31.04 -4.17 -8.95
CA GLU A 19 31.40 -4.82 -10.20
C GLU A 19 30.98 -3.99 -11.41
N GLN A 20 29.83 -3.32 -11.41
CA GLN A 20 29.43 -2.51 -12.55
C GLN A 20 30.39 -1.35 -12.71
N GLY A 21 30.88 -0.79 -11.61
CA GLY A 21 31.83 0.30 -11.61
C GLY A 21 33.16 -0.14 -12.16
N ARG A 22 33.53 -1.39 -11.90
CA ARG A 22 34.77 -1.98 -12.40
C ARG A 22 34.66 -2.21 -13.90
N LYS A 23 33.56 -2.78 -14.39
CA LYS A 23 33.32 -2.98 -15.81
C LYS A 23 33.44 -1.69 -16.57
N ALA A 24 32.79 -0.67 -16.06
CA ALA A 24 32.79 0.65 -16.64
C ALA A 24 34.05 1.48 -16.45
N ARG A 25 35.02 0.97 -15.71
CA ARG A 25 36.25 1.68 -15.41
C ARG A 25 36.02 3.10 -14.91
N GLY A 26 35.07 3.19 -13.99
CA GLY A 26 34.80 4.47 -13.36
C GLY A 26 35.91 4.76 -12.36
N THR A 27 36.11 6.02 -11.99
CA THR A 27 37.09 6.39 -11.00
C THR A 27 36.66 5.93 -9.60
N GLY A 28 35.39 5.56 -9.49
CA GLY A 28 34.85 5.13 -8.25
C GLY A 28 33.94 6.20 -7.67
N GLU A 29 33.73 7.35 -8.33
CA GLU A 29 32.93 8.40 -7.73
C GLU A 29 31.44 8.03 -7.84
N MET A 30 30.97 7.45 -8.94
CA MET A 30 29.59 7.01 -8.97
C MET A 30 29.37 5.79 -8.09
N THR A 31 30.28 4.81 -7.88
CA THR A 31 30.10 3.74 -6.89
C THR A 31 29.99 4.29 -5.49
N GLN A 32 30.71 5.32 -5.11
CA GLN A 32 30.58 5.90 -3.80
C GLN A 32 29.19 6.50 -3.65
N LEU A 33 28.65 7.11 -4.72
CA LEU A 33 27.33 7.73 -4.71
C LEU A 33 26.21 6.68 -4.58
N LEU A 34 26.28 5.58 -5.33
CA LEU A 34 25.27 4.57 -5.25
C LEU A 34 25.27 3.87 -3.90
N ASN A 35 26.48 3.74 -3.32
CA ASN A 35 26.61 3.17 -2.01
C ASN A 35 25.99 4.13 -1.02
N SER A 36 26.18 5.46 -1.10
CA SER A 36 25.49 6.42 -0.27
C SER A 36 23.94 6.40 -0.45
N LEU A 37 23.36 6.26 -1.64
CA LEU A 37 21.95 6.01 -1.75
C LEU A 37 21.54 4.75 -1.02
N CYS A 38 22.16 3.59 -1.20
CA CYS A 38 21.81 2.39 -0.43
C CYS A 38 21.77 2.68 1.07
N THR A 39 22.74 3.34 1.68
CA THR A 39 22.69 3.66 3.09
C THR A 39 21.53 4.58 3.42
N ALA A 40 21.22 5.64 2.66
CA ALA A 40 20.14 6.54 3.03
C ALA A 40 18.78 5.80 2.94
N VAL A 41 18.55 4.92 1.98
CA VAL A 41 17.31 4.19 1.80
C VAL A 41 17.13 3.23 2.97
N LYS A 42 18.19 2.60 3.48
CA LYS A 42 18.08 1.74 4.66
C LYS A 42 17.68 2.51 5.89
N ALA A 43 18.24 3.71 6.07
CA ALA A 43 17.91 4.53 7.21
C ALA A 43 16.49 5.08 7.11
N ILE A 44 15.97 5.41 5.93
CA ILE A 44 14.61 5.89 5.77
C ILE A 44 13.71 4.69 5.98
N SER A 45 13.97 3.51 5.42
CA SER A 45 13.15 2.35 5.64
C SER A 45 12.91 2.08 7.13
N THR A 46 13.96 2.03 7.96
CA THR A 46 13.87 1.83 9.39
C THR A 46 12.98 2.90 10.04
N ALA A 47 13.07 4.17 9.67
CA ALA A 47 12.27 5.23 10.24
C ALA A 47 10.77 5.10 9.86
N VAL A 48 10.57 4.63 8.62
CA VAL A 48 9.23 4.47 8.09
C VAL A 48 8.56 3.32 8.83
N ARG A 49 9.24 2.21 9.05
CA ARG A 49 8.68 1.11 9.83
C ARG A 49 8.51 1.43 11.32
N LYS A 50 8.82 2.65 11.78
CA LYS A 50 8.61 3.14 13.12
C LYS A 50 9.43 2.47 14.23
N ALA A 51 10.66 2.02 13.94
CA ALA A 51 11.56 1.49 14.96
C ALA A 51 11.92 2.65 15.89
N GLY A 52 11.88 2.41 17.22
CA GLY A 52 12.17 3.44 18.21
C GLY A 52 11.02 4.34 18.60
N ILE A 53 9.82 4.09 18.08
CA ILE A 53 8.63 4.86 18.41
C ILE A 53 8.31 4.87 19.91
N ALA A 54 8.52 3.78 20.66
CA ALA A 54 8.27 3.72 22.09
C ALA A 54 8.96 4.85 22.82
N HIS A 55 10.15 5.26 22.38
CA HIS A 55 10.83 6.36 23.03
C HIS A 55 10.09 7.67 22.89
N LEU A 56 9.33 7.84 21.81
CA LEU A 56 8.50 9.01 21.63
C LEU A 56 7.30 8.94 22.53
N TYR A 57 6.84 7.74 22.85
CA TYR A 57 5.68 7.56 23.72
C TYR A 57 5.97 7.46 25.22
N GLY A 58 7.19 7.91 25.56
CA GLY A 58 7.69 8.00 26.93
C GLY A 58 8.15 6.71 27.61
N ILE A 59 8.65 5.71 26.89
CA ILE A 59 9.14 4.52 27.55
C ILE A 59 10.29 4.79 28.52
N ALA A 60 11.10 5.84 28.34
CA ALA A 60 12.21 6.15 29.21
C ALA A 60 12.02 7.48 29.92
N GLY A 61 10.75 7.79 30.17
CA GLY A 61 10.36 9.07 30.74
C GLY A 61 10.53 10.05 29.59
N ALA A 62 11.33 11.08 29.77
CA ALA A 62 11.62 12.00 28.68
C ALA A 62 13.14 12.24 28.77
N THR A 63 13.66 12.32 29.89
N VAL A 70 7.65 15.86 15.30
CA VAL A 70 8.69 15.13 16.02
C VAL A 70 9.89 14.83 15.09
N LYS A 71 9.95 15.68 14.05
CA LYS A 71 10.66 15.43 12.81
C LYS A 71 9.72 14.35 12.25
N LYS A 72 8.88 15.04 11.50
CA LYS A 72 7.85 14.35 10.79
C LYS A 72 8.62 13.63 9.70
N LEU A 73 8.13 12.46 9.42
CA LEU A 73 8.78 11.54 8.54
C LEU A 73 9.28 12.09 7.20
N ASP A 74 8.58 13.02 6.52
CA ASP A 74 9.13 13.55 5.27
C ASP A 74 10.31 14.50 5.45
N VAL A 75 10.35 15.27 6.54
CA VAL A 75 11.44 16.19 6.79
C VAL A 75 12.64 15.34 7.10
N LEU A 76 12.44 14.29 7.90
CA LEU A 76 13.52 13.42 8.24
C LEU A 76 14.05 12.69 7.00
N SER A 77 13.21 12.14 6.13
CA SER A 77 13.68 11.50 4.93
C SER A 77 14.47 12.47 4.10
N ASN A 78 14.07 13.74 4.11
CA ASN A 78 14.74 14.74 3.31
C ASN A 78 16.11 15.01 3.84
N ASP A 79 16.20 15.14 5.15
CA ASP A 79 17.45 15.36 5.84
C ASP A 79 18.43 14.19 5.73
N LEU A 80 17.94 12.95 5.75
CA LEU A 80 18.80 11.78 5.57
C LEU A 80 19.34 11.73 4.16
N VAL A 81 18.55 11.90 3.09
CA VAL A 81 19.10 11.88 1.71
C VAL A 81 20.13 12.99 1.48
N ILE A 82 19.86 14.25 1.82
CA ILE A 82 20.82 15.33 1.57
C ILE A 82 22.14 15.12 2.33
N ASN A 83 22.09 14.72 3.60
CA ASN A 83 23.27 14.55 4.40
C ASN A 83 24.09 13.38 3.96
N VAL A 84 23.48 12.22 3.76
CA VAL A 84 24.24 11.08 3.33
C VAL A 84 24.74 11.31 1.92
N LEU A 85 24.02 12.02 1.02
CA LEU A 85 24.55 12.31 -0.30
C LEU A 85 25.62 13.39 -0.22
N LYS A 86 25.62 14.46 0.57
CA LYS A 86 26.77 15.36 0.64
C LYS A 86 28.04 14.67 1.12
N SER A 87 27.89 13.79 2.10
CA SER A 87 28.98 12.96 2.59
C SER A 87 29.58 12.03 1.54
N SER A 88 29.06 11.91 0.31
CA SER A 88 29.64 10.96 -0.64
C SER A 88 30.84 11.52 -1.38
N PHE A 89 30.88 12.86 -1.36
CA PHE A 89 31.86 13.62 -2.11
C PHE A 89 31.65 13.38 -3.60
N ALA A 90 30.43 13.01 -4.00
CA ALA A 90 30.14 12.71 -5.38
C ALA A 90 29.12 13.63 -6.04
N THR A 91 28.56 14.64 -5.37
CA THR A 91 27.51 15.44 -5.96
C THR A 91 27.82 16.95 -5.98
N CYS A 92 27.29 17.75 -6.91
CA CYS A 92 27.47 19.19 -6.83
C CYS A 92 26.17 19.94 -6.69
N VAL A 93 25.07 19.38 -7.21
CA VAL A 93 23.75 20.01 -7.16
C VAL A 93 22.72 18.95 -6.75
N LEU A 94 21.83 19.24 -5.82
CA LEU A 94 20.82 18.30 -5.36
C LEU A 94 19.45 18.95 -5.55
N VAL A 95 18.40 18.34 -6.08
CA VAL A 95 17.11 19.00 -6.24
C VAL A 95 16.12 18.12 -5.49
N THR A 96 15.44 18.67 -4.54
CA THR A 96 14.47 17.94 -3.76
C THR A 96 13.04 18.35 -4.00
N GLU A 97 12.12 17.41 -3.93
CA GLU A 97 10.71 17.73 -3.98
C GLU A 97 10.38 18.72 -2.89
N GLU A 98 10.97 18.50 -1.72
CA GLU A 98 10.80 19.31 -0.53
C GLU A 98 11.48 20.66 -0.56
N ASP A 99 12.27 21.03 -1.55
CA ASP A 99 13.04 22.23 -1.41
C ASP A 99 12.79 23.20 -2.50
N LYS A 100 12.54 24.40 -2.02
CA LYS A 100 12.22 25.51 -2.86
C LYS A 100 13.32 25.70 -3.91
N ASN A 101 14.59 25.61 -3.51
CA ASN A 101 15.68 25.79 -4.46
C ASN A 101 16.62 24.61 -4.51
N ALA A 102 17.42 24.56 -5.58
CA ALA A 102 18.45 23.56 -5.74
C ALA A 102 19.49 23.79 -4.64
N ILE A 103 20.04 22.72 -4.11
CA ILE A 103 21.07 22.80 -3.08
C ILE A 103 22.43 22.63 -3.77
N ILE A 104 23.33 23.61 -3.59
CA ILE A 104 24.64 23.55 -4.22
C ILE A 104 25.53 23.06 -3.10
N VAL A 105 26.21 21.96 -3.35
CA VAL A 105 27.07 21.33 -2.36
C VAL A 105 28.35 22.16 -2.20
N GLU A 106 28.73 22.39 -0.95
CA GLU A 106 29.93 23.11 -0.55
C GLU A 106 31.12 22.58 -1.34
N PRO A 107 32.06 23.39 -1.87
CA PRO A 107 33.16 22.92 -2.72
C PRO A 107 34.01 21.81 -2.13
N GLU A 108 34.05 21.73 -0.80
CA GLU A 108 34.81 20.68 -0.12
C GLU A 108 34.18 19.30 -0.30
N LYS A 109 32.86 19.19 -0.52
CA LYS A 109 32.22 17.90 -0.70
C LYS A 109 31.78 17.68 -2.12
N ARG A 110 32.22 18.57 -2.99
CA ARG A 110 31.74 18.61 -4.34
C ARG A 110 32.34 17.59 -5.27
N GLY A 111 31.46 16.94 -5.99
CA GLY A 111 31.80 15.93 -6.98
C GLY A 111 31.07 16.31 -8.26
N LYS A 112 30.85 15.40 -9.20
CA LYS A 112 30.29 15.75 -10.49
C LYS A 112 28.82 15.39 -10.71
N TYR A 113 28.12 14.72 -9.81
CA TYR A 113 26.79 14.26 -10.15
C TYR A 113 25.72 15.16 -9.62
N VAL A 114 24.56 15.16 -10.27
CA VAL A 114 23.42 16.00 -9.94
C VAL A 114 22.35 14.98 -9.59
N VAL A 115 21.74 15.10 -8.41
CA VAL A 115 20.81 14.08 -7.94
C VAL A 115 19.49 14.80 -7.70
N CYS A 116 18.45 14.33 -8.39
CA CYS A 116 17.09 14.85 -8.31
C CYS A 116 16.29 13.83 -7.50
N PHE A 117 15.62 14.17 -6.40
CA PHE A 117 14.94 13.12 -5.66
C PHE A 117 13.66 13.58 -5.00
N ASP A 118 12.75 12.63 -4.85
CA ASP A 118 11.57 12.84 -4.07
C ASP A 118 11.73 11.94 -2.84
N PRO A 119 11.98 12.52 -1.64
CA PRO A 119 12.41 11.74 -0.49
C PRO A 119 11.32 10.87 0.06
N LEU A 120 10.02 11.21 0.02
CA LEU A 120 8.99 10.35 0.56
C LEU A 120 7.71 10.66 -0.21
N ASP A 121 7.53 9.83 -1.20
CA ASP A 121 6.45 9.92 -2.15
C ASP A 121 5.24 9.17 -1.69
N GLY A 122 4.20 9.98 -1.82
CA GLY A 122 2.88 9.54 -1.53
C GLY A 122 2.64 10.24 -0.22
N SER A 123 2.69 11.55 -0.23
CA SER A 123 2.49 12.39 0.94
C SER A 123 1.10 12.17 1.57
N SER A 124 0.04 12.05 0.77
CA SER A 124 -1.29 11.83 1.30
C SER A 124 -1.38 10.47 1.98
N ASN A 125 -0.55 9.50 1.64
CA ASN A 125 -0.62 8.16 2.18
C ASN A 125 0.25 7.92 3.42
N ILE A 126 0.98 8.91 3.92
CA ILE A 126 1.89 8.68 5.04
C ILE A 126 1.08 8.32 6.28
N ASP A 127 0.05 9.07 6.61
CA ASP A 127 -0.70 8.81 7.84
C ASP A 127 -1.63 7.60 7.82
N CYS A 128 -2.15 7.10 6.72
CA CYS A 128 -2.94 5.89 6.77
C CYS A 128 -2.12 4.65 6.49
N LEU A 129 -0.78 4.77 6.46
CA LEU A 129 0.20 3.69 6.39
C LEU A 129 0.21 2.88 5.14
N VAL A 130 -0.22 3.49 4.04
CA VAL A 130 -0.24 2.79 2.76
C VAL A 130 1.20 2.91 2.20
N SER A 131 1.70 2.02 1.31
CA SER A 131 3.03 2.11 0.72
C SER A 131 3.45 3.50 0.29
N ILE A 132 4.65 3.95 0.67
CA ILE A 132 5.26 5.23 0.30
C ILE A 132 6.69 4.89 -0.20
N GLY A 133 7.52 5.81 -0.72
CA GLY A 133 8.78 5.39 -1.34
C GLY A 133 9.69 6.56 -1.69
N THR A 134 10.87 6.34 -2.22
CA THR A 134 11.75 7.45 -2.50
C THR A 134 12.05 7.41 -3.99
N ILE A 135 12.15 8.51 -4.72
CA ILE A 135 12.41 8.42 -6.15
C ILE A 135 13.66 9.19 -6.44
N PHE A 136 14.54 8.72 -7.30
CA PHE A 136 15.74 9.50 -7.56
C PHE A 136 16.20 9.42 -9.03
N GLY A 137 16.86 10.44 -9.56
CA GLY A 137 17.47 10.34 -10.88
C GLY A 137 18.84 10.97 -10.79
N ILE A 138 19.85 10.42 -11.45
CA ILE A 138 21.20 11.00 -11.36
C ILE A 138 21.70 11.48 -12.73
N TYR A 139 22.13 12.74 -12.82
CA TYR A 139 22.73 13.27 -14.02
C TYR A 139 24.20 13.52 -13.77
N ARG A 140 25.01 13.43 -14.81
CA ARG A 140 26.41 13.83 -14.77
C ARG A 140 26.39 15.31 -15.08
N LYS A 141 27.08 16.14 -14.30
CA LYS A 141 27.14 17.57 -14.57
C LYS A 141 27.99 17.69 -15.81
N ASN A 142 27.41 18.51 -16.69
CA ASN A 142 27.98 18.78 -18.01
C ASN A 142 28.71 20.14 -18.18
N SER A 143 28.26 21.23 -17.54
CA SER A 143 28.93 22.54 -17.63
C SER A 143 30.37 22.51 -17.08
N THR A 144 31.20 23.50 -17.46
CA THR A 144 32.47 23.73 -16.77
C THR A 144 32.32 24.94 -15.84
N ASP A 145 31.08 25.43 -15.75
CA ASP A 145 30.69 26.55 -14.93
C ASP A 145 30.51 26.10 -13.50
N GLU A 146 30.35 27.11 -12.65
CA GLU A 146 30.04 26.92 -11.25
C GLU A 146 28.72 26.13 -11.20
N PRO A 147 28.53 25.11 -10.35
CA PRO A 147 27.28 24.38 -10.24
C PRO A 147 26.09 25.27 -9.88
N SER A 148 24.96 24.98 -10.51
CA SER A 148 23.76 25.78 -10.37
C SER A 148 22.53 24.93 -10.69
N GLU A 149 21.35 25.53 -10.52
CA GLU A 149 20.05 24.94 -10.89
C GLU A 149 20.10 24.36 -12.28
N LYS A 150 20.75 25.13 -13.17
CA LYS A 150 20.92 24.78 -14.56
C LYS A 150 21.50 23.40 -14.82
N ASP A 151 22.36 22.83 -13.98
CA ASP A 151 22.88 21.50 -14.26
C ASP A 151 21.84 20.43 -14.02
N ALA A 152 20.77 20.78 -13.31
CA ALA A 152 19.68 19.88 -13.10
C ALA A 152 18.71 19.91 -14.27
N LEU A 153 18.66 20.97 -15.09
CA LEU A 153 17.67 21.09 -16.15
C LEU A 153 18.13 20.40 -17.41
N GLN A 154 18.22 19.08 -17.37
CA GLN A 154 18.63 18.28 -18.50
C GLN A 154 17.46 17.38 -18.84
N PRO A 155 17.14 17.02 -20.10
CA PRO A 155 16.17 16.01 -20.43
C PRO A 155 16.51 14.73 -19.77
N GLY A 156 15.45 14.00 -19.51
CA GLY A 156 15.57 12.73 -18.85
C GLY A 156 16.39 11.77 -19.68
N ARG A 157 16.49 12.03 -20.97
CA ARG A 157 17.29 11.18 -21.80
C ARG A 157 18.77 11.17 -21.38
N ASN A 158 19.24 12.21 -20.69
CA ASN A 158 20.60 12.35 -20.18
C ASN A 158 20.86 11.72 -18.80
N LEU A 159 19.96 10.90 -18.27
CA LEU A 159 20.12 10.36 -16.92
C LEU A 159 21.16 9.27 -16.92
N VAL A 160 22.05 9.25 -15.93
CA VAL A 160 22.99 8.16 -15.81
C VAL A 160 22.32 6.99 -15.10
N ALA A 161 21.53 7.24 -14.04
CA ALA A 161 20.88 6.13 -13.36
C ALA A 161 19.60 6.64 -12.78
N ALA A 162 18.61 5.82 -12.61
CA ALA A 162 17.40 6.30 -11.99
C ALA A 162 16.74 5.14 -11.30
N GLY A 163 15.84 5.35 -10.32
CA GLY A 163 15.16 4.24 -9.66
C GLY A 163 14.35 4.73 -8.46
N TYR A 164 13.94 3.82 -7.59
CA TYR A 164 13.14 4.23 -6.46
C TYR A 164 13.27 3.12 -5.40
N ALA A 165 12.95 3.49 -4.17
CA ALA A 165 12.88 2.51 -3.08
C ALA A 165 11.39 2.52 -2.72
N LEU A 166 10.75 1.37 -2.64
CA LEU A 166 9.37 1.24 -2.19
C LEU A 166 9.36 0.70 -0.74
N TYR A 167 8.75 1.39 0.24
CA TYR A 167 8.58 0.92 1.62
C TYR A 167 7.15 0.42 1.65
N GLY A 168 6.95 -0.79 1.18
CA GLY A 168 5.63 -1.39 1.12
C GLY A 168 5.59 -2.51 2.13
N SER A 169 5.03 -3.67 1.79
CA SER A 169 5.04 -4.75 2.75
C SER A 169 6.49 -5.21 3.04
N ALA A 170 7.41 -5.11 2.08
CA ALA A 170 8.83 -5.34 2.27
C ALA A 170 9.49 -4.13 1.61
N THR A 171 10.79 -3.83 1.79
CA THR A 171 11.44 -2.68 1.14
C THR A 171 12.20 -3.20 -0.08
N MET A 172 11.96 -2.54 -1.21
CA MET A 172 12.58 -2.92 -2.46
C MET A 172 13.18 -1.71 -3.13
N LEU A 173 14.41 -1.89 -3.65
CA LEU A 173 15.07 -0.87 -4.44
C LEU A 173 15.09 -1.35 -5.92
N VAL A 174 14.68 -0.50 -6.85
CA VAL A 174 14.69 -0.86 -8.28
C VAL A 174 15.69 0.14 -8.86
N LEU A 175 16.71 -0.35 -9.53
CA LEU A 175 17.75 0.54 -10.06
C LEU A 175 17.83 0.35 -11.58
N ALA A 176 17.80 1.44 -12.37
CA ALA A 176 17.84 1.33 -13.81
C ALA A 176 19.05 2.12 -14.20
N MET A 177 19.90 1.46 -14.94
CA MET A 177 21.08 2.12 -15.51
C MET A 177 21.09 1.76 -16.99
N VAL A 178 22.07 2.13 -17.80
CA VAL A 178 22.08 1.82 -19.25
C VAL A 178 21.80 0.36 -19.62
N ASN A 179 22.38 -0.52 -18.84
CA ASN A 179 22.29 -1.97 -18.91
C ASN A 179 20.88 -2.54 -18.76
N GLY A 180 19.98 -1.87 -18.04
CA GLY A 180 18.71 -2.47 -17.74
C GLY A 180 18.28 -2.17 -16.32
N VAL A 181 17.24 -2.87 -15.91
CA VAL A 181 16.53 -2.64 -14.65
C VAL A 181 16.78 -3.86 -13.78
N ASN A 182 17.14 -3.70 -12.51
CA ASN A 182 17.35 -4.81 -11.59
C ASN A 182 16.64 -4.47 -10.30
N CYS A 183 16.04 -5.47 -9.68
CA CYS A 183 15.30 -5.32 -8.42
C CYS A 183 16.01 -5.98 -7.22
N PHE A 184 16.18 -5.23 -6.15
CA PHE A 184 16.89 -5.67 -4.96
C PHE A 184 15.98 -5.66 -3.72
N MET A 185 15.78 -6.76 -2.99
CA MET A 185 14.90 -6.82 -1.85
C MET A 185 15.70 -6.53 -0.59
N LEU A 186 15.33 -5.64 0.33
CA LEU A 186 16.07 -5.46 1.57
C LEU A 186 15.80 -6.62 2.52
N ASP A 187 16.88 -7.25 2.99
CA ASP A 187 16.77 -8.22 4.06
C ASP A 187 17.05 -7.41 5.29
N PRO A 188 16.05 -7.02 6.07
CA PRO A 188 16.24 -6.18 7.22
C PRO A 188 17.00 -6.88 8.35
N ALA A 189 17.08 -8.23 8.42
CA ALA A 189 17.86 -8.91 9.45
C ALA A 189 19.35 -8.58 9.29
N ILE A 190 19.87 -8.38 8.07
CA ILE A 190 21.29 -8.08 7.91
C ILE A 190 21.62 -6.75 7.25
N GLY A 191 20.59 -5.99 6.88
CA GLY A 191 20.81 -4.70 6.33
C GLY A 191 21.51 -4.81 5.01
N GLU A 192 21.03 -5.67 4.13
CA GLU A 192 21.68 -5.89 2.87
C GLU A 192 20.60 -5.95 1.80
N PHE A 193 20.76 -5.29 0.64
CA PHE A 193 19.81 -5.40 -0.45
C PHE A 193 20.23 -6.59 -1.28
N ILE A 194 19.37 -7.55 -1.58
CA ILE A 194 19.72 -8.80 -2.27
C ILE A 194 19.16 -8.76 -3.70
N LEU A 195 19.89 -9.13 -4.76
CA LEU A 195 19.35 -9.13 -6.12
C LEU A 195 18.34 -10.23 -6.27
N VAL A 196 17.09 -9.89 -6.45
CA VAL A 196 16.11 -10.95 -6.61
C VAL A 196 15.58 -11.00 -8.03
N ASP A 197 15.69 -9.94 -8.84
CA ASP A 197 15.12 -9.99 -10.18
C ASP A 197 16.00 -9.18 -11.10
N ARG A 198 16.61 -9.85 -12.05
CA ARG A 198 17.60 -9.30 -12.96
C ARG A 198 17.03 -8.91 -14.33
N ASN A 199 17.46 -7.82 -14.96
CA ASN A 199 17.01 -7.41 -16.31
C ASN A 199 15.53 -7.50 -16.57
N VAL A 200 14.79 -6.75 -15.76
CA VAL A 200 13.33 -6.78 -15.73
C VAL A 200 12.73 -6.19 -16.99
N LYS A 201 11.76 -6.91 -17.51
CA LYS A 201 11.03 -6.48 -18.69
C LYS A 201 9.54 -6.45 -18.36
N ILE A 202 8.85 -5.32 -18.63
CA ILE A 202 7.40 -5.19 -18.45
C ILE A 202 6.64 -6.07 -19.42
N LYS A 203 5.48 -6.61 -19.03
CA LYS A 203 4.63 -7.35 -19.97
C LYS A 203 4.20 -6.42 -21.10
N LYS A 204 3.98 -6.95 -22.31
CA LYS A 204 3.58 -6.12 -23.43
C LYS A 204 2.20 -5.52 -23.35
N LYS A 205 1.29 -6.27 -22.73
CA LYS A 205 -0.10 -5.87 -22.47
C LYS A 205 -0.48 -6.40 -21.08
N GLY A 206 -1.04 -5.51 -20.28
CA GLY A 206 -1.45 -5.84 -18.93
C GLY A 206 -2.97 -5.86 -18.87
N SER A 207 -3.53 -5.92 -17.67
CA SER A 207 -4.97 -5.91 -17.48
C SER A 207 -5.42 -5.05 -16.31
N ILE A 208 -4.70 -3.96 -16.02
CA ILE A 208 -4.99 -3.07 -14.92
C ILE A 208 -4.75 -1.68 -15.45
N TYR A 209 -5.68 -0.80 -15.12
CA TYR A 209 -5.46 0.60 -15.40
C TYR A 209 -5.48 1.32 -14.07
N SER A 210 -4.71 2.40 -13.95
CA SER A 210 -4.57 3.08 -12.70
C SER A 210 -4.62 4.56 -13.00
N ILE A 211 -5.62 5.25 -12.44
CA ILE A 211 -5.81 6.69 -12.62
C ILE A 211 -6.77 7.12 -11.49
N ASN A 212 -6.74 8.37 -11.07
CA ASN A 212 -7.68 8.84 -10.09
C ASN A 212 -8.95 9.27 -10.83
N GLU A 213 -9.98 8.42 -10.89
CA GLU A 213 -11.19 8.76 -11.60
C GLU A 213 -11.98 9.84 -10.88
N GLY A 214 -11.64 10.30 -9.68
CA GLY A 214 -12.41 11.39 -9.08
C GLY A 214 -12.31 12.65 -9.94
N TYR A 215 -11.35 12.70 -10.88
CA TYR A 215 -11.20 13.86 -11.75
C TYR A 215 -11.95 13.74 -13.06
N ALA A 216 -12.87 12.77 -13.22
CA ALA A 216 -13.55 12.49 -14.46
C ALA A 216 -14.21 13.68 -15.13
N LYS A 217 -14.68 14.67 -14.39
CA LYS A 217 -15.29 15.89 -14.92
C LYS A 217 -14.26 16.73 -15.69
N GLU A 218 -12.97 16.62 -15.36
CA GLU A 218 -11.93 17.42 -15.98
C GLU A 218 -11.01 16.75 -16.98
N PHE A 219 -11.29 15.50 -17.34
CA PHE A 219 -10.45 14.73 -18.24
C PHE A 219 -10.77 15.14 -19.66
N ASP A 220 -9.74 15.05 -20.48
CA ASP A 220 -9.89 15.36 -21.87
C ASP A 220 -10.52 14.16 -22.55
N PRO A 221 -11.06 14.31 -23.75
CA PRO A 221 -11.77 13.24 -24.43
C PRO A 221 -11.01 11.97 -24.80
N ALA A 222 -9.66 11.96 -24.91
CA ALA A 222 -9.01 10.69 -25.26
C ALA A 222 -8.87 9.82 -24.01
N ILE A 223 -8.65 10.43 -22.85
CA ILE A 223 -8.61 9.74 -21.55
C ILE A 223 -10.01 9.20 -21.31
N THR A 224 -11.05 10.03 -21.46
CA THR A 224 -12.41 9.57 -21.23
C THR A 224 -12.82 8.39 -22.06
N GLU A 225 -12.49 8.50 -23.33
CA GLU A 225 -12.79 7.40 -24.23
C GLU A 225 -12.02 6.15 -23.85
N TYR A 226 -10.75 6.31 -23.46
CA TYR A 226 -9.89 5.19 -23.10
C TYR A 226 -10.45 4.52 -21.85
N ILE A 227 -10.80 5.24 -20.79
CA ILE A 227 -11.37 4.58 -19.61
C ILE A 227 -12.63 3.83 -19.95
N GLN A 228 -13.42 4.41 -20.86
CA GLN A 228 -14.63 3.79 -21.33
C GLN A 228 -14.34 2.46 -21.98
N ARG A 229 -13.30 2.36 -22.79
CA ARG A 229 -12.97 1.10 -23.46
C ARG A 229 -12.44 0.08 -22.50
N LYS A 230 -11.81 0.54 -21.44
CA LYS A 230 -11.36 -0.38 -20.42
C LYS A 230 -12.51 -0.97 -19.63
N LYS A 231 -13.56 -0.21 -19.40
CA LYS A 231 -14.71 -0.67 -18.65
C LYS A 231 -15.71 -1.39 -19.51
N PHE A 232 -15.96 -0.96 -20.74
CA PHE A 232 -16.92 -1.65 -21.62
C PHE A 232 -16.17 -1.99 -22.90
N PRO A 233 -15.41 -3.08 -22.98
CA PRO A 233 -14.58 -3.38 -24.14
C PRO A 233 -15.38 -3.49 -25.44
N PRO A 234 -15.15 -2.75 -26.55
CA PRO A 234 -15.95 -2.80 -27.79
C PRO A 234 -15.84 -4.13 -28.52
N ASP A 235 -14.72 -4.84 -28.35
CA ASP A 235 -14.55 -6.15 -28.95
C ASP A 235 -15.06 -7.26 -28.05
N ASN A 236 -15.75 -6.83 -26.99
CA ASN A 236 -16.33 -7.71 -26.00
C ASN A 236 -15.36 -8.59 -25.27
N SER A 237 -14.14 -8.10 -25.11
CA SER A 237 -13.21 -8.82 -24.26
C SER A 237 -13.54 -8.43 -22.80
N ALA A 238 -12.82 -9.02 -21.85
CA ALA A 238 -13.05 -8.77 -20.43
C ALA A 238 -12.62 -7.38 -19.97
N PRO A 239 -13.33 -6.67 -19.09
CA PRO A 239 -12.91 -5.37 -18.59
C PRO A 239 -11.58 -5.44 -17.82
N TYR A 240 -10.84 -4.35 -17.78
CA TYR A 240 -9.62 -4.29 -17.00
C TYR A 240 -9.95 -4.16 -15.51
N GLY A 241 -9.08 -4.57 -14.59
CA GLY A 241 -9.28 -4.28 -13.18
C GLY A 241 -8.75 -2.88 -12.92
N ALA A 242 -9.27 -2.18 -11.93
CA ALA A 242 -8.77 -0.90 -11.59
C ALA A 242 -7.98 -0.98 -10.27
N ARG A 243 -6.85 -0.28 -10.13
CA ARG A 243 -6.11 -0.20 -8.88
C ARG A 243 -5.53 1.18 -8.84
N TYR A 244 -5.60 1.91 -7.76
CA TYR A 244 -4.96 3.19 -7.66
C TYR A 244 -4.63 3.40 -6.18
N VAL A 245 -3.42 3.00 -5.75
CA VAL A 245 -2.95 3.12 -4.36
C VAL A 245 -2.86 4.55 -3.96
N GLY A 246 -2.45 5.46 -4.84
CA GLY A 246 -2.35 6.87 -4.50
C GLY A 246 -0.95 7.38 -4.23
N SER A 247 0.04 6.50 -4.25
CA SER A 247 1.44 6.87 -4.13
C SER A 247 2.01 6.50 -5.49
N MET A 248 2.62 7.40 -6.27
CA MET A 248 3.19 7.06 -7.57
C MET A 248 4.13 5.88 -7.57
N VAL A 249 5.03 5.74 -6.60
CA VAL A 249 6.00 4.64 -6.53
C VAL A 249 5.28 3.32 -6.44
N ALA A 250 4.22 3.22 -5.61
CA ALA A 250 3.49 1.96 -5.45
C ALA A 250 2.73 1.62 -6.71
N ASP A 251 2.08 2.60 -7.34
CA ASP A 251 1.35 2.33 -8.55
C ASP A 251 2.27 2.06 -9.71
N VAL A 252 3.38 2.78 -9.89
CA VAL A 252 4.33 2.51 -10.97
C VAL A 252 4.97 1.17 -10.72
N HIS A 253 5.36 0.82 -9.47
CA HIS A 253 5.96 -0.48 -9.18
C HIS A 253 5.01 -1.59 -9.52
N ARG A 254 3.70 -1.56 -9.16
CA ARG A 254 2.79 -2.62 -9.57
C ARG A 254 2.68 -2.63 -11.11
N THR A 255 2.74 -1.47 -11.80
CA THR A 255 2.69 -1.46 -13.26
C THR A 255 3.91 -2.18 -13.79
N LEU A 256 5.14 -1.91 -13.33
CA LEU A 256 6.31 -2.66 -13.81
C LEU A 256 6.23 -4.17 -13.62
N VAL A 257 5.77 -4.64 -12.45
CA VAL A 257 5.75 -6.05 -12.14
C VAL A 257 4.54 -6.78 -12.72
N TYR A 258 3.34 -6.22 -12.80
CA TYR A 258 2.21 -6.96 -13.34
C TYR A 258 1.82 -6.53 -14.74
N GLY A 259 2.16 -5.33 -15.16
CA GLY A 259 1.76 -4.79 -16.43
C GLY A 259 0.55 -3.88 -16.26
N GLY A 260 0.19 -3.19 -17.33
CA GLY A 260 -0.97 -2.34 -17.32
C GLY A 260 -0.55 -0.94 -17.61
N ILE A 261 -1.26 0.02 -17.06
CA ILE A 261 -0.98 1.38 -17.41
C ILE A 261 -1.31 2.23 -16.19
N PHE A 262 -0.53 3.29 -16.05
CA PHE A 262 -0.63 4.26 -14.99
C PHE A 262 -0.79 5.61 -15.69
N MET A 263 -1.70 6.44 -15.19
CA MET A 263 -1.99 7.72 -15.80
C MET A 263 -2.26 8.76 -14.76
N TYR A 264 -1.62 9.88 -15.02
CA TYR A 264 -1.95 11.08 -14.34
C TYR A 264 -1.86 12.17 -15.45
N PRO A 265 -2.92 12.32 -16.26
CA PRO A 265 -3.05 13.36 -17.29
C PRO A 265 -3.33 14.70 -16.67
N ALA A 266 -3.25 15.78 -17.44
CA ALA A 266 -3.67 17.11 -17.02
C ALA A 266 -5.20 17.12 -16.89
N ASN A 267 -5.62 17.65 -15.77
CA ASN A 267 -7.03 17.81 -15.48
C ASN A 267 -7.10 19.32 -15.25
N LYS A 268 -8.26 19.93 -15.22
CA LYS A 268 -8.35 21.38 -15.07
C LYS A 268 -8.34 21.82 -13.60
N LYS A 269 -7.23 21.47 -12.96
CA LYS A 269 -6.84 21.80 -11.60
C LYS A 269 -5.32 21.79 -11.69
N SER A 270 -4.80 20.76 -12.36
CA SER A 270 -3.40 20.63 -12.68
C SER A 270 -3.30 20.56 -14.23
N PRO A 271 -3.43 21.66 -15.03
CA PRO A 271 -3.39 21.68 -16.51
C PRO A 271 -2.06 21.33 -17.16
N LYS A 272 -0.97 21.35 -16.38
CA LYS A 272 0.32 20.86 -16.84
C LYS A 272 0.57 19.51 -16.18
N GLY A 273 -0.45 18.85 -15.63
CA GLY A 273 -0.26 17.61 -14.89
C GLY A 273 0.08 17.95 -13.46
N LYS A 274 0.18 16.93 -12.63
CA LYS A 274 0.47 17.16 -11.24
C LYS A 274 1.89 16.72 -10.93
N LEU A 275 2.34 15.62 -11.48
CA LEU A 275 3.62 15.08 -11.11
C LEU A 275 4.78 15.87 -11.76
N ARG A 276 5.82 16.10 -10.95
CA ARG A 276 7.01 16.80 -11.38
C ARG A 276 7.99 16.02 -12.20
N LEU A 277 8.40 16.72 -13.23
CA LEU A 277 9.32 16.21 -14.23
C LEU A 277 10.67 15.75 -13.71
N LEU A 278 11.47 16.55 -13.05
CA LEU A 278 12.82 16.11 -12.65
C LEU A 278 12.93 14.91 -11.71
N TYR A 279 11.99 14.76 -10.78
CA TYR A 279 12.09 13.74 -9.74
C TYR A 279 10.92 12.79 -9.57
N GLU A 280 9.90 12.80 -10.44
CA GLU A 280 8.84 11.80 -10.40
C GLU A 280 8.72 11.23 -11.77
N CYS A 281 8.39 12.10 -12.74
CA CYS A 281 8.18 11.62 -14.10
C CYS A 281 9.43 11.10 -14.77
N ASN A 282 10.55 11.84 -14.78
CA ASN A 282 11.74 11.36 -15.47
C ASN A 282 12.29 10.09 -14.88
N PRO A 283 12.53 9.90 -13.55
CA PRO A 283 13.01 8.65 -13.02
C PRO A 283 12.14 7.48 -13.43
N MET A 284 10.80 7.59 -13.33
CA MET A 284 9.89 6.46 -13.65
C MET A 284 9.78 6.12 -15.14
N ALA A 285 9.87 7.15 -15.97
CA ALA A 285 9.94 7.02 -17.44
C ALA A 285 11.18 6.28 -17.88
N TYR A 286 12.31 6.65 -17.26
CA TYR A 286 13.59 6.02 -17.52
C TYR A 286 13.56 4.55 -17.08
N VAL A 287 13.03 4.22 -15.90
CA VAL A 287 12.85 2.83 -15.50
C VAL A 287 11.94 2.13 -16.49
N MET A 288 10.78 2.70 -16.83
CA MET A 288 9.85 2.06 -17.75
C MET A 288 10.49 1.78 -19.09
N GLU A 289 11.17 2.76 -19.65
CA GLU A 289 11.85 2.57 -20.91
C GLU A 289 12.93 1.50 -20.87
N LYS A 290 13.76 1.41 -19.79
CA LYS A 290 14.79 0.35 -19.72
C LYS A 290 14.15 -0.99 -19.47
N ALA A 291 12.86 -1.02 -19.07
CA ALA A 291 12.17 -2.29 -18.92
C ALA A 291 11.33 -2.62 -20.14
N GLY A 292 11.40 -1.82 -21.21
CA GLY A 292 10.67 -2.14 -22.43
C GLY A 292 9.25 -1.60 -22.51
N GLY A 293 8.92 -0.53 -21.77
CA GLY A 293 7.60 0.03 -21.79
C GLY A 293 7.69 1.46 -22.28
N LEU A 294 6.62 2.27 -22.14
CA LEU A 294 6.64 3.59 -22.70
C LEU A 294 6.26 4.62 -21.69
N ALA A 295 6.61 5.86 -21.90
CA ALA A 295 6.25 6.88 -20.99
C ALA A 295 6.07 8.09 -21.90
N THR A 296 4.84 8.59 -21.98
CA THR A 296 4.45 9.69 -22.86
C THR A 296 3.62 10.71 -22.10
N THR A 297 3.60 11.96 -22.57
CA THR A 297 2.69 12.94 -22.04
C THR A 297 1.33 12.76 -22.72
N GLY A 298 1.26 11.90 -23.76
CA GLY A 298 0.11 11.75 -24.64
C GLY A 298 0.45 12.41 -26.00
N LYS A 299 1.37 13.36 -25.99
CA LYS A 299 1.82 14.12 -27.15
C LYS A 299 3.31 13.87 -27.47
N GLU A 300 4.20 13.81 -26.46
CA GLU A 300 5.64 13.58 -26.65
C GLU A 300 6.20 12.61 -25.62
N ALA A 301 7.42 12.11 -25.81
CA ALA A 301 8.03 11.23 -24.83
C ALA A 301 8.56 12.08 -23.69
N VAL A 302 8.29 11.62 -22.46
CA VAL A 302 8.68 12.33 -21.24
C VAL A 302 10.18 12.55 -21.23
N LEU A 303 11.02 11.57 -21.59
CA LEU A 303 12.48 11.76 -21.45
C LEU A 303 13.10 12.81 -22.40
N ASP A 304 12.33 13.20 -23.43
CA ASP A 304 12.78 14.21 -24.37
C ASP A 304 12.40 15.62 -24.00
N ILE A 305 11.66 15.85 -22.93
CA ILE A 305 11.26 17.20 -22.62
C ILE A 305 12.42 18.01 -22.10
N VAL A 306 12.65 19.23 -22.56
CA VAL A 306 13.74 20.04 -22.04
C VAL A 306 13.20 20.81 -20.85
N PRO A 307 13.61 20.59 -19.61
CA PRO A 307 13.06 21.23 -18.42
C PRO A 307 13.36 22.71 -18.43
N THR A 308 12.49 23.57 -17.94
CA THR A 308 12.85 24.97 -17.89
C THR A 308 12.82 25.43 -16.44
N ASP A 309 12.31 24.57 -15.54
CA ASP A 309 12.15 24.88 -14.12
C ASP A 309 12.38 23.59 -13.35
N ILE A 310 13.10 23.64 -12.22
CA ILE A 310 13.37 22.42 -11.50
C ILE A 310 12.11 21.84 -10.88
N HIS A 311 10.99 22.57 -10.72
CA HIS A 311 9.77 22.00 -10.16
C HIS A 311 8.61 21.98 -11.16
N GLN A 312 8.96 21.89 -12.43
CA GLN A 312 8.00 21.86 -13.52
C GLN A 312 7.17 20.59 -13.43
N ARG A 313 5.90 20.64 -13.87
CA ARG A 313 5.00 19.50 -13.89
C ARG A 313 4.80 19.04 -15.32
N ALA A 314 4.45 17.78 -15.51
CA ALA A 314 4.18 17.18 -16.80
C ALA A 314 3.09 16.13 -16.63
N PRO A 315 2.20 15.90 -17.59
CA PRO A 315 1.37 14.70 -17.64
C PRO A 315 2.19 13.47 -17.96
N ILE A 316 1.71 12.32 -17.49
CA ILE A 316 2.46 11.13 -17.79
C ILE A 316 1.46 10.03 -17.83
N ILE A 317 1.77 9.15 -18.78
CA ILE A 317 1.05 7.93 -19.05
C ILE A 317 2.17 6.93 -19.18
N LEU A 318 2.21 5.81 -18.46
CA LEU A 318 3.30 4.89 -18.61
C LEU A 318 2.82 3.48 -18.43
N GLY A 319 3.53 2.49 -18.92
CA GLY A 319 3.06 1.15 -18.72
C GLY A 319 3.42 0.29 -19.87
N SER A 320 2.78 -0.87 -19.96
CA SER A 320 3.00 -1.82 -21.00
C SER A 320 2.89 -1.17 -22.38
N PRO A 321 3.79 -1.49 -23.32
CA PRO A 321 3.79 -0.91 -24.67
C PRO A 321 2.43 -0.95 -25.40
N GLU A 322 1.72 -2.05 -25.48
CA GLU A 322 0.46 -2.07 -26.14
C GLU A 322 -0.64 -1.24 -25.52
N ASP A 323 -0.66 -1.05 -24.21
CA ASP A 323 -1.71 -0.28 -23.60
C ASP A 323 -1.47 1.19 -23.83
N VAL A 324 -0.20 1.60 -23.74
CA VAL A 324 0.12 3.01 -23.92
C VAL A 324 -0.12 3.35 -25.39
N THR A 325 0.18 2.44 -26.31
CA THR A 325 0.04 2.70 -27.75
C THR A 325 -1.41 2.89 -28.10
N GLU A 326 -2.27 2.05 -27.48
CA GLU A 326 -3.71 2.16 -27.65
C GLU A 326 -4.19 3.54 -27.24
N LEU A 327 -3.70 4.07 -26.13
CA LEU A 327 -4.09 5.41 -25.71
C LEU A 327 -3.54 6.49 -26.63
N LEU A 328 -2.30 6.37 -27.13
CA LEU A 328 -1.77 7.33 -28.09
C LEU A 328 -2.61 7.32 -29.39
N GLU A 329 -3.09 6.17 -29.87
CA GLU A 329 -4.03 6.11 -30.99
C GLU A 329 -5.24 6.99 -30.73
N ILE A 330 -5.87 6.86 -29.58
CA ILE A 330 -7.04 7.64 -29.25
C ILE A 330 -6.70 9.10 -29.14
N TYR A 331 -5.54 9.40 -28.66
CA TYR A 331 -5.09 10.78 -28.59
C TYR A 331 -4.92 11.33 -29.98
N GLN A 332 -4.55 10.51 -30.95
CA GLN A 332 -4.43 10.99 -32.31
C GLN A 332 -5.76 11.18 -32.97
N LYS A 333 -6.78 10.33 -32.84
CA LYS A 333 -8.08 10.61 -33.42
C LYS A 333 -8.84 11.71 -32.65
N HIS A 334 -8.27 12.84 -32.23
CA HIS A 334 -8.97 13.83 -31.43
C HIS A 334 -8.26 15.15 -31.46
N ALA A 335 -7.27 15.25 -32.37
CA ALA A 335 -6.40 16.42 -32.49
C ALA A 335 -6.17 16.73 -33.98
N ASN B 9 4.45 7.06 30.32
CA ASN B 9 3.05 6.64 30.17
C ASN B 9 2.75 6.01 28.83
N ILE B 10 3.52 4.97 28.60
CA ILE B 10 3.41 4.24 27.38
C ILE B 10 2.38 3.17 27.78
N VAL B 11 1.38 2.85 26.97
CA VAL B 11 0.50 1.74 27.25
C VAL B 11 0.87 0.72 26.21
N THR B 12 1.31 -0.46 26.56
CA THR B 12 1.54 -1.46 25.55
C THR B 12 0.25 -2.28 25.40
N LEU B 13 0.10 -3.01 24.30
CA LEU B 13 -1.03 -3.87 24.08
C LEU B 13 -1.02 -4.90 25.19
N THR B 14 0.08 -5.45 25.67
CA THR B 14 0.09 -6.46 26.74
C THR B 14 -0.51 -5.93 28.03
N ARG B 15 -0.17 -4.69 28.39
CA ARG B 15 -0.68 -4.04 29.56
C ARG B 15 -2.16 -3.73 29.40
N PHE B 16 -2.55 -3.17 28.25
CA PHE B 16 -3.95 -2.86 27.95
C PHE B 16 -4.88 -4.09 28.00
N VAL B 17 -4.53 -5.23 27.42
CA VAL B 17 -5.39 -6.38 27.40
C VAL B 17 -5.59 -6.94 28.79
N MET B 18 -4.52 -7.00 29.60
CA MET B 18 -4.55 -7.52 30.95
C MET B 18 -5.41 -6.60 31.78
N GLU B 19 -5.23 -5.28 31.72
CA GLU B 19 -6.06 -4.35 32.44
C GLU B 19 -7.52 -4.53 32.09
N GLN B 20 -7.86 -4.75 30.81
CA GLN B 20 -9.24 -4.91 30.39
C GLN B 20 -9.83 -6.20 30.90
N GLY B 21 -9.06 -7.28 30.87
CA GLY B 21 -9.49 -8.56 31.40
C GLY B 21 -9.73 -8.53 32.90
N ARG B 22 -9.00 -7.68 33.61
CA ARG B 22 -9.16 -7.56 35.03
C ARG B 22 -10.40 -6.74 35.31
N LYS B 23 -10.63 -5.61 34.65
CA LYS B 23 -11.85 -4.85 34.89
C LYS B 23 -13.08 -5.68 34.59
N ALA B 24 -12.97 -6.61 33.65
CA ALA B 24 -14.08 -7.44 33.28
C ALA B 24 -14.18 -8.72 34.08
N ARG B 25 -13.16 -8.99 34.89
CA ARG B 25 -13.04 -10.18 35.72
C ARG B 25 -13.07 -11.47 34.96
N GLY B 26 -12.36 -11.50 33.84
CA GLY B 26 -12.32 -12.71 33.07
C GLY B 26 -11.48 -13.70 33.83
N THR B 27 -11.62 -14.96 33.52
CA THR B 27 -10.76 -15.94 34.13
C THR B 27 -9.33 -15.80 33.58
N GLY B 28 -9.14 -15.03 32.49
CA GLY B 28 -7.84 -14.86 31.86
C GLY B 28 -7.73 -15.72 30.59
N GLU B 29 -8.81 -16.36 30.16
CA GLU B 29 -8.73 -17.20 29.01
C GLU B 29 -8.79 -16.28 27.81
N MET B 30 -9.67 -15.28 27.80
CA MET B 30 -9.66 -14.33 26.70
C MET B 30 -8.35 -13.52 26.63
N THR B 31 -7.74 -13.11 27.75
CA THR B 31 -6.47 -12.41 27.81
C THR B 31 -5.39 -13.26 27.19
N GLN B 32 -5.37 -14.55 27.47
CA GLN B 32 -4.39 -15.45 26.91
C GLN B 32 -4.53 -15.47 25.38
N LEU B 33 -5.76 -15.55 24.88
CA LEU B 33 -6.05 -15.58 23.44
C LEU B 33 -5.55 -14.30 22.78
N LEU B 34 -5.86 -13.13 23.30
CA LEU B 34 -5.39 -11.91 22.71
C LEU B 34 -3.87 -11.78 22.77
N ASN B 35 -3.21 -12.29 23.81
CA ASN B 35 -1.76 -12.26 23.89
C ASN B 35 -1.22 -13.16 22.81
N SER B 36 -1.77 -14.35 22.53
CA SER B 36 -1.33 -15.20 21.44
C SER B 36 -1.50 -14.58 20.05
N LEU B 37 -2.52 -13.77 19.90
CA LEU B 37 -2.84 -13.09 18.69
C LEU B 37 -1.75 -12.06 18.46
N CYS B 38 -1.37 -11.27 19.45
CA CYS B 38 -0.33 -10.29 19.33
C CYS B 38 0.98 -11.01 18.94
N THR B 39 1.34 -12.14 19.53
CA THR B 39 2.54 -12.89 19.13
C THR B 39 2.46 -13.37 17.68
N ALA B 40 1.29 -13.85 17.19
CA ALA B 40 1.12 -14.36 15.83
C ALA B 40 1.27 -13.23 14.81
N VAL B 41 0.72 -12.05 15.05
CA VAL B 41 0.86 -10.88 14.20
C VAL B 41 2.32 -10.38 14.06
N LYS B 42 3.11 -10.38 15.14
CA LYS B 42 4.50 -9.97 15.11
C LYS B 42 5.27 -10.96 14.31
N ALA B 43 5.02 -12.25 14.44
CA ALA B 43 5.74 -13.20 13.65
C ALA B 43 5.43 -13.08 12.15
N ILE B 44 4.19 -12.77 11.78
CA ILE B 44 3.78 -12.61 10.40
C ILE B 44 4.40 -11.34 9.87
N SER B 45 4.39 -10.26 10.63
CA SER B 45 4.93 -9.00 10.18
C SER B 45 6.40 -9.19 9.82
N THR B 46 7.19 -9.90 10.63
CA THR B 46 8.58 -10.18 10.36
C THR B 46 8.76 -11.00 9.09
N ALA B 47 7.97 -12.04 8.85
CA ALA B 47 8.08 -12.80 7.62
C ALA B 47 7.64 -11.96 6.40
N VAL B 48 6.66 -11.05 6.52
CA VAL B 48 6.21 -10.17 5.44
C VAL B 48 7.29 -9.15 5.08
N ARG B 49 8.00 -8.58 6.05
CA ARG B 49 9.07 -7.64 5.79
C ARG B 49 10.30 -8.35 5.21
N LYS B 50 10.29 -9.66 4.99
CA LYS B 50 11.37 -10.45 4.38
C LYS B 50 12.69 -10.55 5.15
N ALA B 51 12.62 -10.62 6.47
CA ALA B 51 13.80 -10.85 7.31
C ALA B 51 14.30 -12.27 7.03
N GLY B 52 15.61 -12.49 6.82
CA GLY B 52 16.10 -13.82 6.53
C GLY B 52 16.08 -14.23 5.06
N ILE B 53 15.56 -13.39 4.14
CA ILE B 53 15.49 -13.70 2.69
C ILE B 53 16.87 -14.06 2.09
N ALA B 54 17.96 -13.54 2.65
CA ALA B 54 19.29 -13.84 2.21
C ALA B 54 19.54 -15.31 2.34
N HIS B 55 18.94 -16.04 3.28
CA HIS B 55 19.15 -17.47 3.33
C HIS B 55 18.53 -18.23 2.15
N LEU B 56 17.43 -17.79 1.55
CA LEU B 56 16.87 -18.44 0.37
C LEU B 56 17.78 -18.29 -0.82
N TYR B 57 18.41 -17.13 -0.84
CA TYR B 57 19.33 -16.75 -1.88
C TYR B 57 20.76 -17.23 -1.67
N GLY B 58 20.89 -18.23 -0.78
CA GLY B 58 22.14 -18.90 -0.50
C GLY B 58 23.29 -18.14 0.17
N ILE B 59 23.05 -17.27 1.16
CA ILE B 59 24.18 -16.63 1.81
C ILE B 59 25.07 -17.63 2.53
N ALA B 60 24.52 -18.76 3.02
CA ALA B 60 25.28 -19.79 3.74
C ALA B 60 25.41 -21.12 3.02
N GLY B 61 25.38 -21.12 1.68
CA GLY B 61 25.57 -22.33 0.90
C GLY B 61 24.32 -22.74 0.14
N ALA B 62 23.24 -22.86 0.88
CA ALA B 62 21.95 -23.21 0.39
C ALA B 62 21.00 -22.50 1.35
N THR B 63 20.22 -21.68 0.87
N VAL B 70 9.02 -21.50 -1.04
CA VAL B 70 8.83 -22.67 -0.19
C VAL B 70 8.23 -21.92 0.98
N LYS B 71 7.01 -22.34 1.31
CA LYS B 71 6.13 -21.60 2.19
C LYS B 71 5.95 -20.23 1.53
N LYS B 72 4.85 -20.20 0.80
CA LYS B 72 4.44 -18.92 0.31
C LYS B 72 3.91 -18.22 1.55
N LEU B 73 4.12 -16.92 1.60
CA LEU B 73 3.78 -16.08 2.73
C LEU B 73 2.37 -16.30 3.26
N ASP B 74 1.38 -16.60 2.44
CA ASP B 74 0.04 -16.80 2.96
C ASP B 74 -0.13 -18.18 3.57
N VAL B 75 0.56 -19.21 3.11
CA VAL B 75 0.46 -20.51 3.75
C VAL B 75 1.17 -20.43 5.10
N LEU B 76 2.31 -19.75 5.18
CA LEU B 76 3.04 -19.62 6.42
C LEU B 76 2.23 -18.74 7.36
N SER B 77 1.62 -17.63 6.92
CA SER B 77 0.82 -16.83 7.81
C SER B 77 -0.32 -17.68 8.36
N ASN B 78 -0.84 -18.60 7.55
CA ASN B 78 -1.88 -19.46 8.03
C ASN B 78 -1.37 -20.43 9.08
N ASP B 79 -0.25 -21.14 8.86
CA ASP B 79 0.30 -22.06 9.84
C ASP B 79 0.60 -21.38 11.15
N LEU B 80 1.15 -20.16 11.09
CA LEU B 80 1.44 -19.37 12.27
C LEU B 80 0.17 -19.01 13.02
N VAL B 81 -0.90 -18.46 12.43
CA VAL B 81 -2.09 -18.17 13.21
C VAL B 81 -2.67 -19.46 13.79
N ILE B 82 -2.84 -20.57 13.08
CA ILE B 82 -3.39 -21.78 13.67
C ILE B 82 -2.57 -22.31 14.85
N ASN B 83 -1.22 -22.40 14.78
CA ASN B 83 -0.40 -22.95 15.87
C ASN B 83 -0.33 -22.15 17.14
N VAL B 84 -0.21 -20.85 16.96
CA VAL B 84 -0.09 -19.96 18.09
C VAL B 84 -1.45 -19.84 18.75
N LEU B 85 -2.56 -19.86 17.99
CA LEU B 85 -3.88 -19.81 18.59
C LEU B 85 -4.22 -21.15 19.20
N LYS B 86 -3.89 -22.31 18.65
CA LYS B 86 -4.14 -23.59 19.30
C LYS B 86 -3.39 -23.67 20.62
N SER B 87 -2.18 -23.14 20.71
CA SER B 87 -1.46 -23.23 21.94
C SER B 87 -1.92 -22.16 22.91
N SER B 88 -2.92 -21.32 22.66
CA SER B 88 -3.36 -20.42 23.73
C SER B 88 -4.24 -21.23 24.69
N PHE B 89 -4.66 -22.44 24.34
CA PHE B 89 -5.59 -23.24 25.14
C PHE B 89 -6.91 -22.49 25.35
N ALA B 90 -7.26 -21.60 24.39
CA ALA B 90 -8.45 -20.77 24.51
C ALA B 90 -9.42 -20.84 23.35
N THR B 91 -9.26 -21.72 22.35
CA THR B 91 -10.13 -21.77 21.18
C THR B 91 -10.71 -23.18 20.98
N CYS B 92 -11.93 -23.41 20.48
CA CYS B 92 -12.35 -24.77 20.19
C CYS B 92 -12.58 -24.92 18.70
N VAL B 93 -12.72 -23.81 17.94
CA VAL B 93 -13.04 -23.81 16.52
C VAL B 93 -12.32 -22.63 15.86
N LEU B 94 -11.67 -22.93 14.74
CA LEU B 94 -10.97 -21.93 13.95
C LEU B 94 -11.57 -21.87 12.54
N VAL B 95 -11.83 -20.76 11.90
CA VAL B 95 -12.21 -20.80 10.49
C VAL B 95 -11.21 -19.90 9.78
N THR B 96 -10.61 -20.43 8.76
CA THR B 96 -9.66 -19.73 7.96
C THR B 96 -10.21 -19.51 6.58
N GLU B 97 -9.83 -18.35 6.06
CA GLU B 97 -10.00 -18.09 4.64
C GLU B 97 -9.35 -19.18 3.78
N GLU B 98 -8.15 -19.62 4.13
CA GLU B 98 -7.40 -20.63 3.40
C GLU B 98 -7.85 -22.06 3.66
N ASP B 99 -8.82 -22.40 4.52
CA ASP B 99 -9.15 -23.81 4.75
C ASP B 99 -10.60 -24.05 4.45
N LYS B 100 -10.95 -25.09 3.70
CA LYS B 100 -12.34 -25.33 3.33
C LYS B 100 -13.15 -25.64 4.57
N ASN B 101 -12.62 -26.46 5.46
CA ASN B 101 -13.38 -26.84 6.63
C ASN B 101 -12.87 -26.11 7.86
N ALA B 102 -13.77 -25.91 8.83
CA ALA B 102 -13.45 -25.36 10.14
C ALA B 102 -12.51 -26.35 10.81
N ILE B 103 -11.61 -25.82 11.62
CA ILE B 103 -10.62 -26.60 12.34
C ILE B 103 -11.16 -26.75 13.74
N ILE B 104 -11.25 -28.01 14.15
CA ILE B 104 -11.73 -28.29 15.50
C ILE B 104 -10.49 -28.57 16.31
N VAL B 105 -10.30 -27.79 17.36
CA VAL B 105 -9.11 -27.93 18.20
C VAL B 105 -9.29 -29.20 19.02
N GLU B 106 -8.17 -29.88 19.18
CA GLU B 106 -8.09 -31.12 19.93
C GLU B 106 -8.45 -30.83 21.39
N PRO B 107 -9.16 -31.72 22.11
CA PRO B 107 -9.71 -31.48 23.46
C PRO B 107 -8.77 -31.03 24.55
N GLU B 108 -7.50 -31.47 24.44
CA GLU B 108 -6.47 -31.08 25.38
C GLU B 108 -6.27 -29.59 25.28
N LYS B 109 -6.32 -29.04 24.07
CA LYS B 109 -6.04 -27.63 23.89
C LYS B 109 -7.27 -26.74 23.86
N ARG B 110 -8.47 -27.28 24.12
CA ARG B 110 -9.69 -26.52 24.02
C ARG B 110 -9.95 -25.48 25.06
N GLY B 111 -10.60 -24.46 24.56
CA GLY B 111 -11.05 -23.33 25.32
C GLY B 111 -12.43 -22.96 24.79
N LYS B 112 -12.97 -21.82 25.20
CA LYS B 112 -14.32 -21.51 24.82
C LYS B 112 -14.42 -20.62 23.59
N TYR B 113 -13.34 -20.19 22.92
CA TYR B 113 -13.55 -19.21 21.88
C TYR B 113 -13.45 -19.77 20.49
N VAL B 114 -14.06 -19.02 19.57
CA VAL B 114 -14.18 -19.41 18.16
C VAL B 114 -13.50 -18.27 17.44
N VAL B 115 -12.52 -18.52 16.58
CA VAL B 115 -11.83 -17.40 15.95
C VAL B 115 -11.94 -17.56 14.44
N CYS B 116 -12.32 -16.47 13.76
CA CYS B 116 -12.51 -16.43 12.32
C CYS B 116 -11.46 -15.50 11.75
N PHE B 117 -10.61 -15.95 10.83
CA PHE B 117 -9.55 -15.07 10.38
C PHE B 117 -9.22 -15.22 8.90
N ASP B 118 -8.77 -14.10 8.38
CA ASP B 118 -8.20 -14.10 7.07
C ASP B 118 -6.67 -14.01 7.24
N PRO B 119 -5.77 -15.00 7.07
CA PRO B 119 -4.37 -14.86 7.45
C PRO B 119 -3.59 -13.84 6.65
N LEU B 120 -3.76 -13.64 5.33
CA LEU B 120 -3.03 -12.61 4.58
C LEU B 120 -3.93 -12.04 3.50
N ASP B 121 -4.47 -10.89 3.78
CA ASP B 121 -5.44 -10.26 2.97
C ASP B 121 -4.78 -9.28 2.05
N GLY B 122 -5.26 -9.51 0.84
CA GLY B 122 -4.87 -8.74 -0.30
C GLY B 122 -4.02 -9.72 -1.08
N SER B 123 -4.57 -10.88 -1.47
CA SER B 123 -3.79 -11.91 -2.13
C SER B 123 -3.21 -11.39 -3.45
N SER B 124 -3.94 -10.62 -4.26
CA SER B 124 -3.40 -10.13 -5.53
C SER B 124 -2.30 -9.13 -5.17
N ASN B 125 -2.17 -8.57 -3.96
CA ASN B 125 -1.16 -7.54 -3.64
C ASN B 125 0.15 -8.00 -3.02
N ILE B 126 0.28 -9.32 -2.77
CA ILE B 126 1.46 -9.88 -2.14
C ILE B 126 2.70 -9.67 -3.00
N ASP B 127 2.66 -10.03 -4.27
CA ASP B 127 3.86 -9.95 -5.08
C ASP B 127 4.32 -8.64 -5.56
N CYS B 128 3.46 -7.65 -5.61
CA CYS B 128 3.87 -6.33 -6.01
C CYS B 128 4.10 -5.49 -4.78
N LEU B 129 4.11 -6.13 -3.59
CA LEU B 129 4.49 -5.53 -2.31
C LEU B 129 3.62 -4.39 -1.81
N VAL B 130 2.34 -4.37 -2.17
CA VAL B 130 1.45 -3.32 -1.66
C VAL B 130 0.95 -3.84 -0.29
N SER B 131 0.47 -2.95 0.58
CA SER B 131 -0.09 -3.28 1.91
C SER B 131 -1.02 -4.47 1.95
N ILE B 132 -0.71 -5.48 2.76
CA ILE B 132 -1.51 -6.68 3.04
C ILE B 132 -1.84 -6.73 4.56
N GLY B 133 -2.60 -7.64 5.15
CA GLY B 133 -2.96 -7.51 6.56
C GLY B 133 -3.62 -8.77 7.03
N THR B 134 -3.92 -8.91 8.32
CA THR B 134 -4.53 -10.11 8.89
C THR B 134 -5.84 -9.59 9.46
N ILE B 135 -6.96 -10.31 9.30
CA ILE B 135 -8.25 -9.86 9.77
C ILE B 135 -8.78 -10.91 10.71
N PHE B 136 -9.36 -10.59 11.86
CA PHE B 136 -9.81 -11.65 12.75
C PHE B 136 -11.11 -11.25 13.44
N GLY B 137 -11.95 -12.20 13.82
CA GLY B 137 -13.11 -11.88 14.65
C GLY B 137 -13.22 -13.01 15.65
N ILE B 138 -13.60 -12.72 16.90
CA ILE B 138 -13.68 -13.76 17.95
C ILE B 138 -15.11 -13.89 18.46
N TYR B 139 -15.65 -15.10 18.51
CA TYR B 139 -16.97 -15.40 19.06
C TYR B 139 -16.75 -16.27 20.28
N ARG B 140 -17.73 -16.25 21.17
CA ARG B 140 -17.76 -17.11 22.33
C ARG B 140 -18.61 -18.30 21.93
N LYS B 141 -18.20 -19.55 22.19
CA LYS B 141 -19.02 -20.70 21.86
C LYS B 141 -20.32 -20.63 22.63
N ASN B 142 -21.42 -20.58 21.89
CA ASN B 142 -22.73 -20.46 22.48
C ASN B 142 -23.49 -21.80 22.32
N SER B 143 -23.08 -22.84 23.06
CA SER B 143 -23.70 -24.15 23.09
C SER B 143 -22.88 -25.04 24.01
N THR B 144 -23.27 -26.27 24.27
CA THR B 144 -22.46 -27.22 25.01
C THR B 144 -22.82 -28.50 24.26
N ASP B 145 -21.96 -28.75 23.30
CA ASP B 145 -21.97 -29.93 22.47
C ASP B 145 -20.56 -29.90 21.92
N GLU B 146 -20.20 -30.86 21.09
CA GLU B 146 -18.89 -30.86 20.47
C GLU B 146 -18.82 -29.59 19.62
N PRO B 147 -17.72 -28.87 19.67
CA PRO B 147 -17.38 -27.92 18.63
C PRO B 147 -17.53 -28.46 17.20
N SER B 148 -18.11 -27.64 16.35
CA SER B 148 -18.32 -27.96 14.95
C SER B 148 -18.49 -26.60 14.27
N GLU B 149 -18.57 -26.65 12.93
CA GLU B 149 -18.81 -25.46 12.13
C GLU B 149 -19.92 -24.59 12.65
N LYS B 150 -20.99 -25.19 13.20
CA LYS B 150 -22.15 -24.49 13.74
C LYS B 150 -21.76 -23.37 14.70
N ASP B 151 -20.66 -23.56 15.45
CA ASP B 151 -20.28 -22.56 16.43
C ASP B 151 -19.78 -21.29 15.80
N ALA B 152 -19.23 -21.38 14.58
CA ALA B 152 -18.74 -20.23 13.82
C ALA B 152 -19.88 -19.47 13.17
N LEU B 153 -21.00 -20.17 12.96
CA LEU B 153 -22.11 -19.59 12.24
C LEU B 153 -22.96 -18.73 13.14
N GLN B 154 -22.43 -17.57 13.53
CA GLN B 154 -23.15 -16.67 14.40
C GLN B 154 -23.20 -15.33 13.73
N PRO B 155 -24.19 -14.48 13.82
CA PRO B 155 -24.14 -13.13 13.30
C PRO B 155 -23.00 -12.38 13.94
N GLY B 156 -22.43 -11.44 13.20
CA GLY B 156 -21.32 -10.65 13.67
C GLY B 156 -21.73 -9.78 14.83
N ARG B 157 -23.03 -9.64 15.02
CA ARG B 157 -23.57 -8.93 16.16
C ARG B 157 -23.06 -9.61 17.43
N ASN B 158 -22.80 -10.92 17.37
CA ASN B 158 -22.28 -11.68 18.50
C ASN B 158 -20.77 -11.66 18.72
N LEU B 159 -20.00 -10.80 18.04
CA LEU B 159 -18.55 -10.82 18.13
C LEU B 159 -18.14 -10.31 19.51
N VAL B 160 -17.11 -10.89 20.16
CA VAL B 160 -16.62 -10.33 21.42
C VAL B 160 -15.51 -9.31 21.15
N ALA B 161 -14.70 -9.59 20.14
CA ALA B 161 -13.59 -8.74 19.77
C ALA B 161 -13.39 -8.95 18.29
N ALA B 162 -12.98 -7.92 17.57
CA ALA B 162 -12.62 -8.13 16.17
C ALA B 162 -11.57 -7.09 15.83
N GLY B 163 -10.78 -7.28 14.77
CA GLY B 163 -9.83 -6.23 14.40
C GLY B 163 -8.95 -6.70 13.28
N TYR B 164 -7.83 -6.02 13.05
CA TYR B 164 -6.95 -6.45 11.98
C TYR B 164 -5.52 -5.96 12.23
N ALA B 165 -4.53 -6.53 11.57
CA ALA B 165 -3.19 -5.98 11.64
C ALA B 165 -2.90 -5.58 10.21
N LEU B 166 -2.45 -4.38 9.96
CA LEU B 166 -2.02 -3.92 8.66
C LEU B 166 -0.47 -3.95 8.56
N TYR B 167 0.13 -4.66 7.61
CA TYR B 167 1.58 -4.66 7.35
C TYR B 167 1.78 -3.63 6.24
N GLY B 168 1.77 -2.35 6.58
CA GLY B 168 1.84 -1.33 5.57
C GLY B 168 3.23 -0.71 5.63
N SER B 169 3.34 0.60 5.51
CA SER B 169 4.64 1.21 5.63
C SER B 169 5.13 0.92 7.06
N ALA B 170 4.23 0.94 8.06
CA ALA B 170 4.50 0.48 9.42
C ALA B 170 3.48 -0.61 9.75
N THR B 171 3.59 -1.43 10.82
CA THR B 171 2.59 -2.42 11.20
C THR B 171 1.70 -1.85 12.28
N MET B 172 0.38 -1.93 12.12
CA MET B 172 -0.56 -1.40 13.11
C MET B 172 -1.58 -2.48 13.42
N LEU B 173 -1.96 -2.63 14.68
CA LEU B 173 -3.01 -3.56 15.04
C LEU B 173 -4.16 -2.71 15.51
N VAL B 174 -5.37 -2.87 14.94
CA VAL B 174 -6.53 -2.09 15.35
C VAL B 174 -7.44 -3.05 16.08
N LEU B 175 -7.86 -2.80 17.32
CA LEU B 175 -8.63 -3.79 18.07
C LEU B 175 -9.88 -3.12 18.55
N ALA B 176 -11.01 -3.75 18.25
CA ALA B 176 -12.31 -3.24 18.67
C ALA B 176 -12.90 -4.31 19.56
N MET B 177 -13.43 -3.83 20.67
CA MET B 177 -14.14 -4.69 21.61
C MET B 177 -15.37 -3.88 22.04
N VAL B 178 -16.25 -4.33 22.94
CA VAL B 178 -17.46 -3.59 23.30
C VAL B 178 -17.29 -2.11 23.64
N ASN B 179 -16.18 -1.86 24.30
CA ASN B 179 -15.80 -0.56 24.78
C ASN B 179 -15.25 0.42 23.73
N GLY B 180 -14.86 0.06 22.49
CA GLY B 180 -14.30 1.06 21.58
C GLY B 180 -13.28 0.44 20.66
N VAL B 181 -12.67 1.26 19.82
CA VAL B 181 -11.66 0.82 18.85
C VAL B 181 -10.37 1.47 19.34
N ASN B 182 -9.25 0.77 19.40
CA ASN B 182 -7.98 1.40 19.76
C ASN B 182 -6.95 0.92 18.74
N CYS B 183 -6.04 1.80 18.39
CA CYS B 183 -4.99 1.49 17.44
C CYS B 183 -3.61 1.43 18.12
N PHE B 184 -2.88 0.36 17.82
CA PHE B 184 -1.56 0.12 18.36
C PHE B 184 -0.52 0.04 17.25
N MET B 185 0.60 0.73 17.36
CA MET B 185 1.69 0.70 16.39
C MET B 185 2.77 -0.27 16.85
N LEU B 186 3.27 -1.18 16.04
CA LEU B 186 4.38 -2.01 16.40
C LEU B 186 5.66 -1.21 16.28
N ASP B 187 6.39 -1.20 17.39
CA ASP B 187 7.76 -0.72 17.40
C ASP B 187 8.58 -1.98 17.19
N PRO B 188 9.12 -2.28 15.99
CA PRO B 188 9.77 -3.54 15.72
C PRO B 188 11.14 -3.61 16.40
N ALA B 189 11.67 -2.49 16.90
CA ALA B 189 12.93 -2.46 17.65
C ALA B 189 12.78 -3.21 18.98
N ILE B 190 11.62 -3.14 19.68
CA ILE B 190 11.46 -3.88 20.92
C ILE B 190 10.38 -4.94 20.85
N GLY B 191 9.62 -5.05 19.74
CA GLY B 191 8.58 -6.05 19.63
C GLY B 191 7.41 -5.72 20.54
N GLU B 192 7.06 -4.48 20.69
CA GLU B 192 5.91 -4.14 21.51
C GLU B 192 4.91 -3.36 20.67
N PHE B 193 3.60 -3.57 20.83
CA PHE B 193 2.60 -2.71 20.21
C PHE B 193 2.33 -1.60 21.18
N ILE B 194 2.33 -0.35 20.79
CA ILE B 194 2.13 0.79 21.68
C ILE B 194 0.84 1.48 21.29
N LEU B 195 0.01 1.80 22.28
CA LEU B 195 -1.25 2.45 22.03
C LEU B 195 -0.99 3.82 21.48
N VAL B 196 -1.40 4.08 20.23
CA VAL B 196 -1.17 5.40 19.70
C VAL B 196 -2.45 6.16 19.49
N ASP B 197 -3.62 5.53 19.57
CA ASP B 197 -4.88 6.21 19.26
C ASP B 197 -5.91 5.50 20.10
N ARG B 198 -6.54 6.22 20.97
CA ARG B 198 -7.46 5.64 21.93
C ARG B 198 -8.87 5.99 21.50
N ASN B 199 -9.79 5.04 21.51
CA ASN B 199 -11.20 5.34 21.29
C ASN B 199 -11.49 6.01 19.96
N VAL B 200 -11.12 5.36 18.85
CA VAL B 200 -11.22 5.99 17.53
C VAL B 200 -12.65 6.18 17.02
N LYS B 201 -12.93 7.36 16.47
CA LYS B 201 -14.23 7.66 15.88
C LYS B 201 -13.96 8.15 14.45
N ILE B 202 -14.72 7.61 13.49
CA ILE B 202 -14.59 7.93 12.07
C ILE B 202 -15.24 9.27 11.81
N LYS B 203 -14.71 10.07 10.88
CA LYS B 203 -15.36 11.32 10.53
C LYS B 203 -16.76 11.03 9.99
N LYS B 204 -17.70 11.94 10.24
CA LYS B 204 -19.08 11.77 9.83
C LYS B 204 -19.23 11.80 8.33
N LYS B 205 -18.42 12.58 7.65
CA LYS B 205 -18.44 12.62 6.21
C LYS B 205 -17.00 12.69 5.71
N GLY B 206 -16.64 11.91 4.68
CA GLY B 206 -15.29 11.90 4.15
C GLY B 206 -15.26 12.51 2.75
N SER B 207 -14.15 12.36 2.04
CA SER B 207 -13.93 12.89 0.71
C SER B 207 -13.32 11.90 -0.24
N ILE B 208 -13.41 10.59 0.03
CA ILE B 208 -12.78 9.57 -0.80
C ILE B 208 -13.80 8.47 -0.94
N TYR B 209 -13.86 7.88 -2.12
CA TYR B 209 -14.70 6.74 -2.32
C TYR B 209 -13.73 5.69 -2.84
N SER B 210 -14.00 4.45 -2.50
CA SER B 210 -13.11 3.36 -2.78
C SER B 210 -13.91 2.22 -3.34
N ILE B 211 -13.73 1.92 -4.61
CA ILE B 211 -14.40 0.83 -5.30
C ILE B 211 -13.56 0.48 -6.51
N ASN B 212 -13.62 -0.78 -6.92
CA ASN B 212 -12.99 -1.24 -8.17
C ASN B 212 -13.94 -0.87 -9.33
N GLU B 213 -13.72 0.25 -10.03
CA GLU B 213 -14.57 0.64 -11.14
C GLU B 213 -14.40 -0.14 -12.42
N GLY B 214 -13.53 -1.12 -12.51
CA GLY B 214 -13.41 -1.96 -13.68
C GLY B 214 -14.62 -2.87 -13.80
N TYR B 215 -15.51 -2.90 -12.82
CA TYR B 215 -16.74 -3.70 -12.89
C TYR B 215 -17.92 -2.78 -13.23
N ALA B 216 -17.70 -1.55 -13.67
CA ALA B 216 -18.76 -0.58 -13.93
C ALA B 216 -19.88 -1.13 -14.77
N LYS B 217 -19.59 -2.04 -15.69
CA LYS B 217 -20.60 -2.65 -16.51
C LYS B 217 -21.54 -3.53 -15.68
N GLU B 218 -21.16 -4.12 -14.55
CA GLU B 218 -22.03 -5.03 -13.81
C GLU B 218 -22.66 -4.34 -12.62
N PHE B 219 -22.40 -3.05 -12.41
CA PHE B 219 -22.92 -2.36 -11.26
C PHE B 219 -24.40 -2.14 -11.34
N ASP B 220 -25.03 -2.27 -10.17
CA ASP B 220 -26.45 -1.99 -10.10
C ASP B 220 -26.71 -0.47 -10.26
N PRO B 221 -27.94 -0.02 -10.55
CA PRO B 221 -28.22 1.39 -10.80
C PRO B 221 -28.00 2.30 -9.61
N ALA B 222 -28.07 1.82 -8.37
CA ALA B 222 -27.86 2.72 -7.24
C ALA B 222 -26.37 3.05 -7.07
N ILE B 223 -25.48 2.06 -7.28
CA ILE B 223 -24.03 2.25 -7.21
C ILE B 223 -23.61 3.20 -8.35
N THR B 224 -24.09 2.83 -9.55
CA THR B 224 -23.87 3.64 -10.72
C THR B 224 -24.26 5.09 -10.50
N GLU B 225 -25.40 5.34 -9.86
CA GLU B 225 -25.85 6.69 -9.61
C GLU B 225 -24.98 7.35 -8.57
N TYR B 226 -24.74 6.68 -7.44
CA TYR B 226 -23.86 7.23 -6.40
C TYR B 226 -22.44 7.60 -6.94
N ILE B 227 -21.72 6.80 -7.75
CA ILE B 227 -20.37 7.16 -8.25
C ILE B 227 -20.34 8.44 -9.07
N GLN B 228 -21.39 8.51 -9.88
CA GLN B 228 -21.65 9.61 -10.77
C GLN B 228 -21.77 10.89 -10.00
N ARG B 229 -22.50 10.84 -8.91
CA ARG B 229 -22.68 11.98 -8.02
C ARG B 229 -21.37 12.40 -7.35
N LYS B 230 -20.47 11.43 -7.14
CA LYS B 230 -19.17 11.72 -6.56
C LYS B 230 -18.25 12.39 -7.54
N LYS B 231 -18.35 12.08 -8.83
CA LYS B 231 -17.50 12.69 -9.82
C LYS B 231 -18.06 13.99 -10.33
N PHE B 232 -19.37 14.05 -10.45
CA PHE B 232 -20.03 15.23 -10.95
C PHE B 232 -21.01 15.66 -9.87
N PRO B 233 -20.63 16.37 -8.84
CA PRO B 233 -21.52 16.71 -7.74
C PRO B 233 -22.59 17.69 -8.19
N PRO B 234 -23.91 17.48 -7.94
CA PRO B 234 -25.02 18.27 -8.49
C PRO B 234 -24.91 19.74 -8.09
N ASP B 235 -24.51 19.92 -6.83
CA ASP B 235 -24.30 21.19 -6.17
C ASP B 235 -23.00 21.91 -6.51
N ASN B 236 -22.22 21.32 -7.40
CA ASN B 236 -20.96 21.86 -7.83
C ASN B 236 -19.91 22.18 -6.77
N SER B 237 -19.84 21.24 -5.83
CA SER B 237 -18.74 21.22 -4.88
C SER B 237 -17.69 20.33 -5.53
N ALA B 238 -16.57 20.19 -4.83
CA ALA B 238 -15.47 19.39 -5.30
C ALA B 238 -15.87 17.93 -5.40
N PRO B 239 -15.47 17.20 -6.45
CA PRO B 239 -15.64 15.76 -6.56
C PRO B 239 -14.87 15.05 -5.46
N TYR B 240 -15.23 13.80 -5.13
CA TYR B 240 -14.48 13.00 -4.17
C TYR B 240 -13.17 12.48 -4.82
N GLY B 241 -12.07 12.28 -4.09
CA GLY B 241 -10.91 11.63 -4.65
C GLY B 241 -11.19 10.14 -4.66
N ALA B 242 -10.55 9.37 -5.52
CA ALA B 242 -10.72 7.92 -5.55
C ALA B 242 -9.41 7.27 -5.10
N ARG B 243 -9.53 6.16 -4.38
CA ARG B 243 -8.41 5.39 -3.92
C ARG B 243 -8.90 3.96 -3.89
N TYR B 244 -8.17 2.97 -4.39
CA TYR B 244 -8.53 1.59 -4.28
C TYR B 244 -7.18 0.85 -4.31
N VAL B 245 -6.62 0.57 -3.13
CA VAL B 245 -5.39 -0.18 -2.98
C VAL B 245 -5.57 -1.61 -3.43
N GLY B 246 -6.71 -2.29 -3.24
CA GLY B 246 -6.82 -3.65 -3.70
C GLY B 246 -6.73 -4.62 -2.54
N SER B 247 -6.46 -4.16 -1.33
CA SER B 247 -6.42 -5.01 -0.12
C SER B 247 -7.50 -4.41 0.74
N MET B 248 -8.55 -5.17 1.05
CA MET B 248 -9.60 -4.64 1.92
C MET B 248 -9.01 -4.05 3.20
N VAL B 249 -8.00 -4.64 3.84
CA VAL B 249 -7.44 -4.13 5.09
C VAL B 249 -6.93 -2.75 4.92
N ALA B 250 -6.21 -2.56 3.81
CA ALA B 250 -5.57 -1.29 3.53
C ALA B 250 -6.63 -0.24 3.17
N ASP B 251 -7.69 -0.63 2.43
CA ASP B 251 -8.72 0.35 2.07
C ASP B 251 -9.66 0.68 3.20
N VAL B 252 -9.96 -0.26 4.11
CA VAL B 252 -10.80 -0.04 5.29
C VAL B 252 -10.03 0.77 6.32
N HIS B 253 -8.71 0.53 6.50
CA HIS B 253 -7.96 1.31 7.44
C HIS B 253 -7.91 2.75 7.05
N ARG B 254 -7.65 3.08 5.77
CA ARG B 254 -7.67 4.48 5.33
C ARG B 254 -9.07 5.06 5.51
N THR B 255 -10.15 4.29 5.28
CA THR B 255 -11.52 4.78 5.47
C THR B 255 -11.69 5.12 6.95
N LEU B 256 -11.23 4.24 7.87
CA LEU B 256 -11.30 4.47 9.31
C LEU B 256 -10.57 5.73 9.70
N VAL B 257 -9.34 5.89 9.26
CA VAL B 257 -8.51 7.00 9.63
C VAL B 257 -8.80 8.33 8.93
N TYR B 258 -9.23 8.34 7.65
CA TYR B 258 -9.50 9.59 6.91
C TYR B 258 -11.00 9.82 6.67
N GLY B 259 -11.86 8.82 6.81
CA GLY B 259 -13.28 8.92 6.44
C GLY B 259 -13.50 8.59 4.96
N GLY B 260 -14.75 8.56 4.49
CA GLY B 260 -15.01 8.25 3.10
C GLY B 260 -15.80 6.98 3.05
N ILE B 261 -15.78 6.27 1.93
CA ILE B 261 -16.60 5.09 1.79
C ILE B 261 -15.88 4.06 0.97
N PHE B 262 -16.09 2.80 1.30
CA PHE B 262 -15.44 1.68 0.68
C PHE B 262 -16.59 0.83 0.22
N MET B 263 -16.54 0.27 -0.98
CA MET B 263 -17.67 -0.49 -1.46
C MET B 263 -17.14 -1.63 -2.25
N TYR B 264 -17.80 -2.74 -2.03
CA TYR B 264 -17.59 -3.89 -2.85
C TYR B 264 -18.99 -4.50 -2.90
N PRO B 265 -19.86 -3.99 -3.80
CA PRO B 265 -21.23 -4.51 -4.00
C PRO B 265 -21.27 -5.78 -4.84
N ALA B 266 -22.48 -6.34 -4.92
CA ALA B 266 -22.74 -7.47 -5.81
C ALA B 266 -22.65 -6.91 -7.24
N ASN B 267 -21.88 -7.62 -8.03
CA ASN B 267 -21.70 -7.37 -9.45
C ASN B 267 -22.18 -8.70 -10.06
N LYS B 268 -21.99 -9.10 -11.31
CA LYS B 268 -22.60 -10.37 -11.74
C LYS B 268 -21.71 -11.59 -11.78
N LYS B 269 -20.42 -11.42 -11.50
CA LYS B 269 -19.45 -12.52 -11.35
C LYS B 269 -19.47 -12.98 -9.89
N SER B 270 -19.62 -11.97 -9.01
CA SER B 270 -19.86 -12.16 -7.59
C SER B 270 -21.23 -11.51 -7.30
N PRO B 271 -22.37 -12.20 -7.55
CA PRO B 271 -23.76 -11.74 -7.35
C PRO B 271 -24.14 -11.65 -5.90
N LYS B 272 -23.34 -12.30 -5.06
CA LYS B 272 -23.51 -12.12 -3.65
C LYS B 272 -22.31 -11.39 -3.08
N GLY B 273 -21.60 -10.62 -3.89
CA GLY B 273 -20.40 -9.95 -3.44
C GLY B 273 -19.26 -10.95 -3.45
N LYS B 274 -18.04 -10.44 -3.32
CA LYS B 274 -16.86 -11.28 -3.32
C LYS B 274 -16.39 -11.51 -1.87
N LEU B 275 -16.52 -10.49 -1.03
CA LEU B 275 -16.00 -10.60 0.32
C LEU B 275 -16.83 -11.50 1.21
N ARG B 276 -16.07 -12.37 1.89
CA ARG B 276 -16.59 -13.31 2.87
C ARG B 276 -16.98 -12.73 4.19
N LEU B 277 -18.14 -13.19 4.60
CA LEU B 277 -18.83 -12.69 5.76
C LEU B 277 -18.16 -12.88 7.13
N LEU B 278 -17.78 -14.10 7.49
CA LEU B 278 -17.21 -14.33 8.81
C LEU B 278 -15.83 -13.71 9.04
N TYR B 279 -14.97 -13.62 8.02
CA TYR B 279 -13.63 -13.11 8.27
C TYR B 279 -13.14 -11.93 7.46
N GLU B 280 -14.01 -11.31 6.68
CA GLU B 280 -13.71 -10.04 6.04
C GLU B 280 -14.75 -9.01 6.44
N CYS B 281 -16.01 -9.25 6.03
CA CYS B 281 -17.10 -8.31 6.30
C CYS B 281 -17.44 -8.11 7.76
N ASN B 282 -17.72 -9.18 8.52
CA ASN B 282 -18.12 -8.98 9.91
C ASN B 282 -17.05 -8.33 10.77
N PRO B 283 -15.75 -8.69 10.75
CA PRO B 283 -14.72 -8.02 11.53
C PRO B 283 -14.65 -6.54 11.23
N MET B 284 -14.64 -6.22 9.94
CA MET B 284 -14.54 -4.83 9.51
C MET B 284 -15.78 -4.04 9.81
N ALA B 285 -16.95 -4.68 9.74
CA ALA B 285 -18.26 -4.07 10.08
C ALA B 285 -18.34 -3.75 11.58
N TYR B 286 -17.91 -4.68 12.42
CA TYR B 286 -17.83 -4.46 13.85
C TYR B 286 -16.89 -3.30 14.18
N VAL B 287 -15.69 -3.20 13.56
CA VAL B 287 -14.80 -2.07 13.82
C VAL B 287 -15.48 -0.79 13.39
N MET B 288 -16.10 -0.74 12.20
CA MET B 288 -16.76 0.49 11.75
C MET B 288 -17.87 0.90 12.68
N GLU B 289 -18.72 -0.02 13.11
CA GLU B 289 -19.76 0.35 14.03
C GLU B 289 -19.22 0.78 15.38
N LYS B 290 -18.21 0.13 16.01
CA LYS B 290 -17.65 0.62 17.27
C LYS B 290 -17.01 1.99 17.08
N ALA B 291 -16.55 2.30 15.85
CA ALA B 291 -15.99 3.60 15.53
C ALA B 291 -17.05 4.62 15.12
N GLY B 292 -18.35 4.34 15.03
CA GLY B 292 -19.34 5.37 14.69
C GLY B 292 -19.66 5.43 13.19
N GLY B 293 -19.36 4.39 12.42
CA GLY B 293 -19.70 4.37 11.02
C GLY B 293 -20.78 3.33 10.78
N LEU B 294 -21.11 3.07 9.51
CA LEU B 294 -22.13 2.12 9.15
C LEU B 294 -21.54 1.09 8.25
N ALA B 295 -22.05 -0.14 8.27
CA ALA B 295 -21.60 -1.16 7.36
C ALA B 295 -22.88 -1.85 6.97
N THR B 296 -23.21 -1.84 5.69
CA THR B 296 -24.46 -2.36 5.17
C THR B 296 -24.17 -3.16 3.91
N THR B 297 -25.07 -4.09 3.67
CA THR B 297 -25.18 -4.86 2.43
C THR B 297 -25.80 -3.97 1.34
N GLY B 298 -26.44 -2.87 1.71
CA GLY B 298 -27.27 -2.07 0.82
C GLY B 298 -28.74 -2.25 1.23
N LYS B 299 -29.14 -3.48 1.62
CA LYS B 299 -30.50 -3.79 2.07
C LYS B 299 -30.55 -3.92 3.61
N GLU B 300 -29.59 -4.65 4.24
CA GLU B 300 -29.51 -4.79 5.68
C GLU B 300 -28.14 -4.51 6.29
N ALA B 301 -28.09 -4.42 7.62
CA ALA B 301 -26.85 -4.25 8.37
C ALA B 301 -26.08 -5.57 8.35
N VAL B 302 -24.78 -5.55 8.01
CA VAL B 302 -23.97 -6.76 7.85
C VAL B 302 -23.94 -7.59 9.12
N LEU B 303 -23.84 -6.94 10.28
CA LEU B 303 -23.69 -7.70 11.52
C LEU B 303 -24.95 -8.42 11.91
N ASP B 304 -26.08 -8.18 11.23
CA ASP B 304 -27.30 -8.89 11.56
C ASP B 304 -27.55 -10.10 10.70
N ILE B 305 -26.75 -10.36 9.67
CA ILE B 305 -26.96 -11.52 8.81
C ILE B 305 -26.62 -12.75 9.61
N VAL B 306 -27.42 -13.80 9.52
CA VAL B 306 -27.18 -15.04 10.24
C VAL B 306 -26.59 -15.88 9.12
N PRO B 307 -25.32 -16.31 9.13
CA PRO B 307 -24.74 -17.07 8.03
C PRO B 307 -25.20 -18.51 8.03
N THR B 308 -25.13 -19.18 6.89
CA THR B 308 -25.47 -20.58 6.77
C THR B 308 -24.28 -21.39 6.26
N ASP B 309 -23.21 -20.75 5.77
CA ASP B 309 -22.02 -21.43 5.26
C ASP B 309 -20.85 -20.64 5.89
N ILE B 310 -19.76 -21.27 6.39
CA ILE B 310 -18.67 -20.51 7.01
C ILE B 310 -17.93 -19.71 5.94
N HIS B 311 -18.04 -20.04 4.64
CA HIS B 311 -17.40 -19.28 3.56
C HIS B 311 -18.41 -18.47 2.71
N GLN B 312 -19.54 -18.05 3.28
CA GLN B 312 -20.57 -17.24 2.63
C GLN B 312 -20.07 -15.86 2.25
N ARG B 313 -20.57 -15.26 1.18
CA ARG B 313 -20.14 -13.92 0.76
C ARG B 313 -21.25 -12.96 1.05
N ALA B 314 -20.96 -11.68 1.10
CA ALA B 314 -21.93 -10.67 1.36
C ALA B 314 -21.35 -9.44 0.68
N PRO B 315 -22.18 -8.58 0.09
CA PRO B 315 -21.75 -7.29 -0.40
C PRO B 315 -21.61 -6.42 0.82
N ILE B 316 -20.76 -5.41 0.70
CA ILE B 316 -20.57 -4.54 1.84
C ILE B 316 -20.27 -3.15 1.33
N ILE B 317 -20.70 -2.18 2.09
CA ILE B 317 -20.50 -0.77 1.85
C ILE B 317 -20.23 -0.36 3.29
N LEU B 318 -19.15 0.35 3.64
CA LEU B 318 -18.94 0.75 5.02
C LEU B 318 -18.21 2.07 5.07
N GLY B 319 -18.24 2.83 6.15
CA GLY B 319 -17.51 4.07 6.13
C GLY B 319 -18.25 5.13 6.87
N SER B 320 -17.89 6.40 6.61
CA SER B 320 -18.52 7.50 7.26
C SER B 320 -20.05 7.43 7.14
N PRO B 321 -20.81 7.66 8.22
CA PRO B 321 -22.25 7.49 8.23
C PRO B 321 -22.97 8.43 7.26
N GLU B 322 -22.60 9.68 7.03
CA GLU B 322 -23.32 10.47 6.04
C GLU B 322 -23.17 10.01 4.59
N ASP B 323 -21.97 9.55 4.24
CA ASP B 323 -21.72 8.98 2.94
C ASP B 323 -22.50 7.70 2.76
N VAL B 324 -22.53 6.78 3.74
CA VAL B 324 -23.24 5.49 3.64
C VAL B 324 -24.76 5.75 3.61
N THR B 325 -25.27 6.69 4.42
CA THR B 325 -26.66 7.09 4.36
C THR B 325 -27.03 7.62 2.97
N GLU B 326 -26.22 8.48 2.36
CA GLU B 326 -26.47 8.98 1.03
C GLU B 326 -26.66 7.85 0.01
N LEU B 327 -25.81 6.81 0.01
CA LEU B 327 -26.01 5.66 -0.86
C LEU B 327 -27.20 4.79 -0.44
N LEU B 328 -27.56 4.64 0.84
CA LEU B 328 -28.74 3.85 1.18
C LEU B 328 -30.02 4.55 0.71
N GLU B 329 -30.11 5.89 0.73
CA GLU B 329 -31.22 6.66 0.15
C GLU B 329 -31.35 6.42 -1.35
N ILE B 330 -30.27 6.32 -2.12
CA ILE B 330 -30.34 5.96 -3.53
C ILE B 330 -30.80 4.51 -3.65
N TYR B 331 -30.44 3.60 -2.77
CA TYR B 331 -30.91 2.22 -2.88
C TYR B 331 -32.40 2.15 -2.68
N GLN B 332 -32.89 2.96 -1.75
CA GLN B 332 -34.30 3.04 -1.47
C GLN B 332 -35.07 3.60 -2.62
N LYS B 333 -34.70 4.67 -3.32
CA LYS B 333 -35.50 5.10 -4.44
C LYS B 333 -35.29 4.20 -5.67
N HIS B 334 -34.79 2.97 -5.58
CA HIS B 334 -34.66 2.09 -6.74
C HIS B 334 -35.34 0.76 -6.42
N ALA B 335 -36.44 0.91 -5.66
CA ALA B 335 -37.39 -0.13 -5.27
C ALA B 335 -38.71 0.65 -5.05
#